data_2VYX
#
_entry.id   2VYX
#
_cell.length_a   67.630
_cell.length_b   98.550
_cell.length_c   139.840
_cell.angle_alpha   90.00
_cell.angle_beta   90.00
_cell.angle_gamma   90.00
#
_symmetry.space_group_name_H-M   'P 21 21 21'
#
loop_
_entity.id
_entity.type
_entity.pdbx_description
1 polymer TTHA1431
2 non-polymer 'FLAVIN MONONUCLEOTIDE'
3 non-polymer 'COENZYME A'
4 non-polymer 'CHLORIDE ION'
5 non-polymer 'SODIUM ION'
6 water water
#
_entity_poly.entity_id   1
_entity_poly.type   'polypeptide(L)'
_entity_poly.pdbx_seq_one_letter_code
;MGKVYKKVELVGTSEEGLEAAIQAALARARKTLRHLDFFEVKEIRGTIGEAGVKEYQVVLEVGFRLEET
;
_entity_poly.pdbx_strand_id   A,B,C,D,E,F,G,H,I,J,K,L
#
loop_
_chem_comp.id
_chem_comp.type
_chem_comp.name
_chem_comp.formula
CL non-polymer 'CHLORIDE ION' 'Cl -1'
COA non-polymer 'COENZYME A' 'C21 H36 N7 O16 P3 S'
FMN non-polymer 'FLAVIN MONONUCLEOTIDE' 'C17 H21 N4 O9 P'
NA non-polymer 'SODIUM ION' 'Na 1'
#
# COMPACT_ATOMS: atom_id res chain seq x y z
N GLY A 2 -1.17 -8.46 -28.73
CA GLY A 2 -0.74 -7.71 -29.93
C GLY A 2 0.07 -6.47 -29.58
N LYS A 3 -0.62 -5.35 -29.37
CA LYS A 3 0.08 -4.10 -29.10
C LYS A 3 0.70 -4.07 -27.72
N VAL A 4 1.80 -3.33 -27.62
CA VAL A 4 2.59 -3.22 -26.40
C VAL A 4 2.86 -1.74 -26.13
N TYR A 5 2.68 -1.35 -24.87
CA TYR A 5 2.94 0.01 -24.42
C TYR A 5 4.10 0.02 -23.46
N LYS A 6 4.81 1.14 -23.42
CA LYS A 6 5.83 1.39 -22.43
C LYS A 6 5.42 2.55 -21.53
N LYS A 7 5.74 2.42 -20.25
CA LYS A 7 5.56 3.49 -19.30
C LYS A 7 6.91 3.96 -18.81
N VAL A 8 7.11 5.28 -18.79
CA VAL A 8 8.32 5.88 -18.23
C VAL A 8 7.95 6.81 -17.09
N GLU A 9 8.80 6.86 -16.07
CA GLU A 9 8.54 7.69 -14.88
C GLU A 9 9.28 9.00 -15.01
N LEU A 10 8.52 10.09 -15.14
CA LEU A 10 9.10 11.43 -15.26
C LEU A 10 8.71 12.25 -14.07
N VAL A 11 9.48 13.31 -13.83
CA VAL A 11 9.12 14.32 -12.84
C VAL A 11 9.11 15.67 -13.53
N GLY A 12 7.93 16.26 -13.64
CA GLY A 12 7.79 17.62 -14.15
C GLY A 12 7.81 18.58 -12.99
N THR A 13 8.46 19.74 -13.19
CA THR A 13 8.56 20.76 -12.16
C THR A 13 8.05 22.10 -12.67
N SER A 14 7.56 22.92 -11.76
CA SER A 14 7.07 24.26 -12.07
C SER A 14 7.00 25.07 -10.79
N GLU A 15 7.37 26.34 -10.88
CA GLU A 15 7.20 27.27 -9.78
C GLU A 15 5.77 27.81 -9.72
N GLU A 16 4.99 27.52 -10.76
CA GLU A 16 3.67 28.11 -10.95
C GLU A 16 2.54 27.28 -10.35
N GLY A 17 2.55 25.96 -10.56
CA GLY A 17 1.49 25.10 -10.04
C GLY A 17 1.56 23.66 -10.51
N LEU A 18 0.58 22.87 -10.11
CA LEU A 18 0.57 21.44 -10.38
C LEU A 18 0.37 21.13 -11.86
N GLU A 19 -0.61 21.78 -12.48
CA GLU A 19 -0.93 21.57 -13.88
C GLU A 19 0.27 21.90 -14.76
N ALA A 20 0.96 22.98 -14.40
CA ALA A 20 2.14 23.42 -15.15
C ALA A 20 3.27 22.42 -15.03
N ALA A 21 3.43 21.84 -13.85
CA ALA A 21 4.42 20.79 -13.62
C ALA A 21 4.15 19.58 -14.50
N ILE A 22 2.91 19.13 -14.53
CA ILE A 22 2.51 17.99 -15.37
C ILE A 22 2.78 18.33 -16.84
N GLN A 23 2.40 19.54 -17.25
CA GLN A 23 2.55 19.96 -18.64
C GLN A 23 4.02 20.04 -19.04
N ALA A 24 4.88 20.47 -18.13
CA ALA A 24 6.31 20.52 -18.40
C ALA A 24 6.87 19.16 -18.75
N ALA A 25 6.49 18.14 -17.98
CA ALA A 25 6.93 16.77 -18.25
C ALA A 25 6.46 16.28 -19.61
N LEU A 26 5.18 16.53 -19.93
CA LEU A 26 4.58 16.10 -21.19
C LEU A 26 5.14 16.87 -22.38
N ALA A 27 5.39 18.17 -22.19
CA ALA A 27 6.07 19.00 -23.21
C ALA A 27 7.41 18.40 -23.60
N ARG A 28 8.19 17.99 -22.59
CA ARG A 28 9.49 17.38 -22.82
C ARG A 28 9.37 16.02 -23.51
N ALA A 29 8.42 15.20 -23.07
CA ALA A 29 8.21 13.87 -23.64
C ALA A 29 7.84 13.96 -25.12
N ARG A 30 7.04 14.96 -25.46
CA ARG A 30 6.53 15.17 -26.82
C ARG A 30 7.66 15.48 -27.82
N LYS A 31 8.78 16.01 -27.34
CA LYS A 31 9.90 16.33 -28.23
C LYS A 31 10.60 15.08 -28.79
N THR A 32 10.61 13.99 -28.03
CA THR A 32 11.32 12.77 -28.44
C THR A 32 10.44 11.53 -28.61
N LEU A 33 9.28 11.49 -27.97
CA LEU A 33 8.43 10.29 -28.00
C LEU A 33 7.18 10.49 -28.84
N ARG A 34 6.80 9.44 -29.57
CA ARG A 34 5.57 9.41 -30.35
C ARG A 34 4.55 8.46 -29.72
N HIS A 35 3.28 8.70 -30.02
CA HIS A 35 2.16 7.85 -29.57
C HIS A 35 2.01 7.87 -28.04
N LEU A 36 2.26 9.04 -27.45
CA LEU A 36 1.99 9.26 -26.04
C LEU A 36 0.49 9.23 -25.84
N ASP A 37 0.03 8.41 -24.89
CA ASP A 37 -1.39 8.12 -24.76
C ASP A 37 -1.98 8.57 -23.43
N PHE A 38 -1.35 8.17 -22.33
CA PHE A 38 -1.92 8.42 -21.01
C PHE A 38 -0.86 8.72 -19.97
N PHE A 39 -1.26 9.34 -18.87
CA PHE A 39 -0.40 9.54 -17.72
C PHE A 39 -1.13 9.22 -16.40
N GLU A 40 -0.32 8.98 -15.37
CA GLU A 40 -0.81 8.69 -14.01
C GLU A 40 0.09 9.44 -13.06
N VAL A 41 -0.49 10.25 -12.18
CA VAL A 41 0.30 10.93 -11.18
C VAL A 41 0.65 9.93 -10.07
N LYS A 42 1.93 9.82 -9.72
CA LYS A 42 2.35 8.89 -8.68
C LYS A 42 2.53 9.60 -7.36
N GLU A 43 3.11 10.78 -7.39
CA GLU A 43 3.18 11.63 -6.20
C GLU A 43 3.36 13.09 -6.51
N ILE A 44 3.01 13.92 -5.54
CA ILE A 44 3.20 15.36 -5.59
C ILE A 44 4.14 15.71 -4.47
N ARG A 45 5.30 16.27 -4.84
CA ARG A 45 6.33 16.66 -3.91
C ARG A 45 6.74 18.08 -4.22
N GLY A 46 7.68 18.60 -3.46
CA GLY A 46 8.19 19.94 -3.74
C GLY A 46 9.14 20.49 -2.73
N THR A 47 9.65 21.67 -3.05
CA THR A 47 10.58 22.37 -2.21
C THR A 47 9.95 23.63 -1.67
N ILE A 48 10.48 24.08 -0.52
CA ILE A 48 9.93 25.19 0.22
C ILE A 48 10.95 26.32 0.19
N GLY A 49 10.48 27.53 -0.09
CA GLY A 49 11.32 28.72 -0.11
C GLY A 49 10.77 29.76 0.82
N GLU A 50 11.29 30.98 0.70
CA GLU A 50 10.94 32.01 1.66
C GLU A 50 9.48 32.47 1.47
N ALA A 51 8.90 32.18 0.31
CA ALA A 51 7.53 32.58 -0.05
C ALA A 51 6.54 31.42 -0.10
N GLY A 52 6.84 30.31 0.58
CA GLY A 52 6.01 29.12 0.51
C GLY A 52 6.60 28.11 -0.46
N VAL A 53 5.77 27.56 -1.33
CA VAL A 53 6.24 26.62 -2.34
C VAL A 53 7.25 27.32 -3.22
N LYS A 54 8.39 26.67 -3.43
CA LYS A 54 9.41 27.13 -4.35
C LYS A 54 9.18 26.46 -5.69
N GLU A 55 9.09 25.13 -5.65
CA GLU A 55 8.90 24.33 -6.84
C GLU A 55 7.89 23.20 -6.52
N TYR A 56 6.87 23.07 -7.35
CA TYR A 56 6.03 21.87 -7.35
C TYR A 56 6.72 20.83 -8.20
N GLN A 57 6.75 19.58 -7.72
CA GLN A 57 7.36 18.49 -8.44
C GLN A 57 6.34 17.35 -8.52
N VAL A 58 5.88 17.06 -9.73
CA VAL A 58 4.86 16.04 -9.96
C VAL A 58 5.52 14.83 -10.62
N VAL A 59 5.57 13.71 -9.90
CA VAL A 59 6.09 12.45 -10.42
C VAL A 59 4.97 11.77 -11.17
N LEU A 60 5.19 11.52 -12.46
CA LEU A 60 4.17 11.02 -13.40
C LEU A 60 4.69 9.77 -14.05
N GLU A 61 3.82 8.79 -14.28
CA GLU A 61 4.12 7.77 -15.26
C GLU A 61 3.38 8.13 -16.55
N VAL A 62 4.11 8.00 -17.66
CA VAL A 62 3.62 8.35 -18.98
C VAL A 62 3.68 7.10 -19.87
N GLY A 63 2.54 6.71 -20.43
CA GLY A 63 2.44 5.52 -21.27
C GLY A 63 2.38 5.88 -22.75
N PHE A 64 3.17 5.18 -23.55
CA PHE A 64 3.11 5.36 -25.00
C PHE A 64 3.14 4.01 -25.73
N ARG A 65 2.45 3.93 -26.86
CA ARG A 65 2.40 2.72 -27.66
C ARG A 65 3.72 2.53 -28.40
N LEU A 66 4.30 1.34 -28.31
CA LEU A 66 5.52 1.02 -29.04
C LEU A 66 5.15 0.68 -30.47
N GLU A 67 5.69 1.43 -31.42
CA GLU A 67 5.37 1.23 -32.83
C GLU A 67 6.14 0.05 -33.43
N GLU A 68 5.78 -0.28 -34.67
CA GLU A 68 6.39 -1.40 -35.40
C GLU A 68 5.89 -2.74 -34.84
N THR A 69 4.73 -2.84 -34.42
N GLY B 2 -25.88 4.91 14.58
CA GLY B 2 -25.90 6.37 14.24
C GLY B 2 -26.23 6.61 12.78
N LYS B 3 -25.68 7.68 12.22
CA LYS B 3 -25.85 8.00 10.80
C LYS B 3 -25.03 7.02 9.96
N VAL B 4 -25.44 6.82 8.70
CA VAL B 4 -24.66 6.04 7.75
C VAL B 4 -24.43 6.83 6.48
N TYR B 5 -23.21 6.74 5.94
CA TYR B 5 -22.86 7.38 4.70
C TYR B 5 -22.56 6.31 3.65
N LYS B 6 -22.78 6.65 2.38
CA LYS B 6 -22.42 5.83 1.24
C LYS B 6 -21.30 6.57 0.52
N LYS B 7 -20.28 5.84 0.05
CA LYS B 7 -19.24 6.41 -0.78
C LYS B 7 -19.38 5.79 -2.17
N VAL B 8 -19.38 6.65 -3.19
CA VAL B 8 -19.33 6.23 -4.59
C VAL B 8 -18.07 6.77 -5.25
N GLU B 9 -17.49 5.94 -6.11
CA GLU B 9 -16.28 6.28 -6.84
C GLU B 9 -16.64 6.87 -8.20
N LEU B 10 -16.36 8.16 -8.36
CA LEU B 10 -16.56 8.86 -9.64
C LEU B 10 -15.25 9.32 -10.23
N VAL B 11 -15.29 9.58 -11.52
CA VAL B 11 -14.16 10.17 -12.21
C VAL B 11 -14.65 11.42 -12.89
N GLY B 12 -14.11 12.56 -12.48
CA GLY B 12 -14.43 13.83 -13.09
C GLY B 12 -13.37 14.12 -14.12
N THR B 13 -13.77 14.73 -15.24
CA THR B 13 -12.81 15.06 -16.29
C THR B 13 -12.90 16.54 -16.62
N SER B 14 -11.78 17.08 -17.10
CA SER B 14 -11.72 18.45 -17.58
C SER B 14 -10.48 18.63 -18.45
N GLU B 15 -10.61 19.48 -19.47
CA GLU B 15 -9.46 19.85 -20.31
C GLU B 15 -8.69 21.03 -19.72
N GLU B 16 -9.17 21.60 -18.61
CA GLU B 16 -8.60 22.83 -18.10
C GLU B 16 -7.82 22.68 -16.80
N GLY B 17 -8.13 21.69 -15.99
CA GLY B 17 -7.42 21.53 -14.72
C GLY B 17 -8.04 20.57 -13.73
N LEU B 18 -7.35 20.40 -12.61
CA LEU B 18 -7.69 19.40 -11.60
C LEU B 18 -8.90 19.81 -10.80
N GLU B 19 -8.93 21.06 -10.36
CA GLU B 19 -10.09 21.59 -9.64
C GLU B 19 -11.34 21.49 -10.51
N ALA B 20 -11.22 21.83 -11.79
CA ALA B 20 -12.35 21.74 -12.72
C ALA B 20 -12.86 20.30 -12.87
N ALA B 21 -11.93 19.35 -12.91
CA ALA B 21 -12.30 17.92 -12.97
C ALA B 21 -13.06 17.49 -11.72
N ILE B 22 -12.56 17.87 -10.57
CA ILE B 22 -13.26 17.62 -9.30
C ILE B 22 -14.65 18.24 -9.29
N GLN B 23 -14.73 19.52 -9.66
CA GLN B 23 -16.01 20.21 -9.66
C GLN B 23 -17.01 19.54 -10.63
N ALA B 24 -16.53 19.04 -11.77
CA ALA B 24 -17.39 18.35 -12.74
C ALA B 24 -18.08 17.11 -12.12
N ALA B 25 -17.28 16.27 -11.45
CA ALA B 25 -17.81 15.13 -10.74
C ALA B 25 -18.87 15.54 -9.69
N LEU B 26 -18.56 16.56 -8.89
CA LEU B 26 -19.46 16.98 -7.81
C LEU B 26 -20.73 17.62 -8.37
N ALA B 27 -20.59 18.36 -9.48
CA ALA B 27 -21.74 18.99 -10.14
C ALA B 27 -22.73 17.94 -10.67
N ARG B 28 -22.20 16.86 -11.24
CA ARG B 28 -23.04 15.76 -11.70
C ARG B 28 -23.67 15.04 -10.51
N ALA B 29 -22.89 14.78 -9.47
CA ALA B 29 -23.41 14.12 -8.25
C ALA B 29 -24.59 14.89 -7.66
N ARG B 30 -24.45 16.21 -7.58
CA ARG B 30 -25.45 17.13 -7.05
C ARG B 30 -26.81 17.09 -7.78
N LYS B 31 -26.83 16.64 -9.02
CA LYS B 31 -28.07 16.57 -9.80
C LYS B 31 -29.00 15.49 -9.29
N THR B 32 -28.44 14.40 -8.74
CA THR B 32 -29.25 13.27 -8.29
C THR B 32 -29.06 12.84 -6.83
N LEU B 33 -27.96 13.24 -6.19
CA LEU B 33 -27.69 12.83 -4.80
C LEU B 33 -27.83 13.98 -3.80
N ARG B 34 -28.56 13.70 -2.71
CA ARG B 34 -28.73 14.62 -1.61
C ARG B 34 -27.76 14.36 -0.47
N HIS B 35 -27.51 15.40 0.33
CA HIS B 35 -26.66 15.34 1.50
C HIS B 35 -25.20 14.95 1.16
N LEU B 36 -24.70 15.43 0.03
CA LEU B 36 -23.29 15.31 -0.30
C LEU B 36 -22.43 16.03 0.75
N ASP B 37 -21.41 15.34 1.28
CA ASP B 37 -20.64 15.84 2.42
C ASP B 37 -19.14 15.95 2.20
N PHE B 38 -18.51 14.94 1.60
CA PHE B 38 -17.05 14.90 1.59
C PHE B 38 -16.56 14.14 0.37
N PHE B 39 -15.32 14.43 0.01
CA PHE B 39 -14.66 13.72 -1.11
C PHE B 39 -13.23 13.42 -0.77
N GLU B 40 -12.67 12.43 -1.47
CA GLU B 40 -11.30 12.01 -1.29
C GLU B 40 -10.79 11.71 -2.69
N VAL B 41 -9.67 12.31 -3.08
CA VAL B 41 -9.01 11.99 -4.35
C VAL B 41 -8.25 10.69 -4.20
N LYS B 42 -8.57 9.73 -5.06
CA LYS B 42 -7.93 8.42 -5.07
C LYS B 42 -6.80 8.40 -6.09
N GLU B 43 -7.01 9.01 -7.23
CA GLU B 43 -6.03 9.01 -8.30
C GLU B 43 -6.18 10.22 -9.20
N ILE B 44 -5.07 10.69 -9.76
CA ILE B 44 -5.05 11.64 -10.85
C ILE B 44 -4.42 10.98 -12.09
N ARG B 45 -5.19 10.95 -13.17
CA ARG B 45 -4.84 10.29 -14.41
C ARG B 45 -5.14 11.27 -15.53
N GLY B 46 -4.83 10.89 -16.76
CA GLY B 46 -5.25 11.68 -17.90
C GLY B 46 -4.79 11.16 -19.24
N THR B 47 -5.22 11.86 -20.28
CA THR B 47 -4.87 11.51 -21.65
C THR B 47 -3.92 12.58 -22.17
N ILE B 48 -3.12 12.20 -23.16
CA ILE B 48 -2.16 13.10 -23.75
C ILE B 48 -2.53 13.38 -25.20
N GLY B 49 -2.43 14.65 -25.58
CA GLY B 49 -2.69 15.08 -26.96
C GLY B 49 -1.54 15.91 -27.50
N GLU B 50 -1.79 16.57 -28.63
CA GLU B 50 -0.74 17.33 -29.34
C GLU B 50 -0.25 18.55 -28.53
N ALA B 51 -1.08 19.05 -27.62
CA ALA B 51 -0.74 20.20 -26.78
C ALA B 51 -0.45 19.82 -25.34
N GLY B 52 -0.11 18.55 -25.11
CA GLY B 52 0.22 18.06 -23.76
C GLY B 52 -0.96 17.32 -23.19
N VAL B 53 -1.46 17.79 -22.04
CA VAL B 53 -2.65 17.21 -21.44
C VAL B 53 -3.86 17.43 -22.33
N LYS B 54 -4.53 16.35 -22.69
CA LYS B 54 -5.79 16.42 -23.39
C LYS B 54 -6.89 16.54 -22.34
N GLU B 55 -6.94 15.55 -21.46
CA GLU B 55 -7.97 15.46 -20.43
C GLU B 55 -7.35 15.14 -19.07
N TYR B 56 -7.66 15.94 -18.05
CA TYR B 56 -7.41 15.56 -16.64
C TYR B 56 -8.57 14.68 -16.17
N GLN B 57 -8.23 13.57 -15.52
CA GLN B 57 -9.23 12.62 -15.01
C GLN B 57 -8.94 12.37 -13.54
N VAL B 58 -9.80 12.88 -12.67
CA VAL B 58 -9.55 12.77 -11.26
C VAL B 58 -10.56 11.76 -10.74
N VAL B 59 -10.00 10.67 -10.22
CA VAL B 59 -10.75 9.61 -9.56
C VAL B 59 -10.99 9.99 -8.09
N LEU B 60 -12.26 10.16 -7.74
CA LEU B 60 -12.71 10.69 -6.44
C LEU B 60 -13.61 9.68 -5.76
N GLU B 61 -13.48 9.54 -4.45
CA GLU B 61 -14.56 8.98 -3.63
C GLU B 61 -15.43 10.11 -3.13
N VAL B 62 -16.73 9.98 -3.33
CA VAL B 62 -17.71 10.99 -2.88
C VAL B 62 -18.65 10.41 -1.84
N GLY B 63 -18.61 11.01 -0.66
CA GLY B 63 -19.41 10.56 0.48
C GLY B 63 -20.65 11.41 0.69
N PHE B 64 -21.77 10.74 0.86
CA PHE B 64 -23.05 11.37 1.14
C PHE B 64 -23.82 10.66 2.25
N ARG B 65 -24.58 11.42 3.02
CA ARG B 65 -25.37 10.88 4.12
C ARG B 65 -26.63 10.18 3.61
N LEU B 66 -26.83 8.92 3.99
CA LEU B 66 -28.03 8.17 3.59
C LEU B 66 -29.26 8.61 4.38
N GLU B 67 -30.37 8.83 3.68
CA GLU B 67 -31.64 9.19 4.31
C GLU B 67 -32.23 7.99 5.01
N GLY C 2 25.13 12.84 10.55
CA GLY C 2 25.42 13.77 9.41
C GLY C 2 24.62 15.05 9.52
N LYS C 3 23.36 14.96 9.09
CA LYS C 3 22.33 15.95 9.40
C LYS C 3 21.08 15.18 9.87
N VAL C 4 20.19 15.88 10.57
CA VAL C 4 18.91 15.30 10.98
C VAL C 4 17.77 16.26 10.62
N TYR C 5 16.73 15.69 9.99
CA TYR C 5 15.53 16.44 9.65
C TYR C 5 14.39 15.91 10.50
N LYS C 6 13.39 16.75 10.68
CA LYS C 6 12.10 16.28 11.20
C LYS C 6 11.03 16.52 10.15
N LYS C 7 10.07 15.60 10.11
CA LYS C 7 8.87 15.77 9.30
C LYS C 7 7.67 15.93 10.19
N VAL C 8 6.84 16.91 9.87
CA VAL C 8 5.54 17.07 10.53
C VAL C 8 4.42 16.99 9.50
N GLU C 9 3.29 16.46 9.91
CA GLU C 9 2.16 16.21 9.03
C GLU C 9 1.15 17.29 9.30
N LEU C 10 0.89 18.11 8.29
CA LEU C 10 -0.02 19.25 8.38
C LEU C 10 -1.14 19.05 7.38
N VAL C 11 -2.27 19.70 7.64
CA VAL C 11 -3.35 19.75 6.66
C VAL C 11 -3.64 21.20 6.39
N GLY C 12 -3.38 21.64 5.17
CA GLY C 12 -3.73 22.99 4.75
C GLY C 12 -5.07 22.99 4.08
N THR C 13 -5.84 24.05 4.30
CA THR C 13 -7.18 24.13 3.74
C THR C 13 -7.36 25.45 3.00
N SER C 14 -8.18 25.43 1.96
CA SER C 14 -8.53 26.64 1.22
C SER C 14 -9.82 26.45 0.44
N GLU C 15 -10.61 27.51 0.36
CA GLU C 15 -11.79 27.51 -0.50
C GLU C 15 -11.45 27.68 -1.98
N GLU C 16 -10.22 28.09 -2.27
CA GLU C 16 -9.82 28.48 -3.63
C GLU C 16 -9.35 27.32 -4.50
N GLY C 17 -8.48 26.49 -3.95
CA GLY C 17 -7.83 25.46 -4.77
C GLY C 17 -6.75 24.72 -4.02
N LEU C 18 -6.11 23.79 -4.72
CA LEU C 18 -5.13 22.87 -4.12
C LEU C 18 -3.85 23.60 -3.75
N GLU C 19 -3.35 24.39 -4.69
CA GLU C 19 -2.16 25.19 -4.45
C GLU C 19 -2.35 26.10 -3.25
N ALA C 20 -3.50 26.76 -3.16
CA ALA C 20 -3.78 27.64 -2.03
C ALA C 20 -3.81 26.89 -0.68
N ALA C 21 -4.29 25.65 -0.68
CA ALA C 21 -4.31 24.83 0.53
C ALA C 21 -2.89 24.46 0.96
N ILE C 22 -2.03 24.11 -0.01
CA ILE C 22 -0.63 23.77 0.21
C ILE C 22 0.12 24.99 0.73
N GLN C 23 -0.11 26.12 0.06
CA GLN C 23 0.46 27.39 0.50
C GLN C 23 0.02 27.83 1.89
N ALA C 24 -1.23 27.57 2.27
CA ALA C 24 -1.70 27.88 3.63
C ALA C 24 -0.98 27.10 4.71
N ALA C 25 -0.70 25.82 4.43
CA ALA C 25 0.06 24.99 5.37
C ALA C 25 1.48 25.52 5.53
N LEU C 26 2.14 25.77 4.40
CA LEU C 26 3.53 26.24 4.40
C LEU C 26 3.69 27.65 4.95
N ALA C 27 2.69 28.52 4.74
CA ALA C 27 2.71 29.87 5.33
C ALA C 27 2.65 29.81 6.86
N ARG C 28 1.84 28.92 7.40
CA ARG C 28 1.80 28.73 8.83
C ARG C 28 3.09 28.08 9.35
N ALA C 29 3.63 27.12 8.60
CA ALA C 29 4.87 26.45 9.00
C ALA C 29 6.01 27.47 9.17
N ARG C 30 6.09 28.38 8.20
CA ARG C 30 7.10 29.43 8.15
C ARG C 30 7.04 30.42 9.32
N LYS C 31 5.89 30.53 9.97
CA LYS C 31 5.75 31.43 11.12
C LYS C 31 6.55 30.99 12.35
N THR C 32 6.82 29.70 12.48
CA THR C 32 7.49 29.17 13.65
C THR C 32 8.66 28.24 13.36
N LEU C 33 8.74 27.71 12.14
CA LEU C 33 9.78 26.73 11.82
C LEU C 33 10.78 27.34 10.86
N ARG C 34 12.04 26.99 11.07
CA ARG C 34 13.14 27.47 10.27
C ARG C 34 13.73 26.29 9.53
N HIS C 35 14.37 26.58 8.39
CA HIS C 35 15.07 25.59 7.56
C HIS C 35 14.11 24.58 6.90
N LEU C 36 12.97 25.10 6.48
CA LEU C 36 11.95 24.32 5.78
C LEU C 36 12.47 24.01 4.38
N ASP C 37 12.51 22.73 4.03
CA ASP C 37 13.18 22.29 2.81
C ASP C 37 12.25 21.65 1.78
N PHE C 38 11.43 20.72 2.21
CA PHE C 38 10.65 19.94 1.26
C PHE C 38 9.30 19.53 1.81
N PHE C 39 8.42 19.14 0.89
CA PHE C 39 7.09 18.64 1.27
C PHE C 39 6.67 17.52 0.36
N GLU C 40 5.72 16.74 0.85
CA GLU C 40 5.21 15.60 0.13
C GLU C 40 3.72 15.57 0.39
N VAL C 41 2.92 15.61 -0.67
CA VAL C 41 1.46 15.50 -0.52
C VAL C 41 1.08 14.06 -0.23
N LYS C 42 0.30 13.85 0.84
CA LYS C 42 -0.15 12.51 1.24
C LYS C 42 -1.59 12.21 0.84
N GLU C 43 -2.46 13.21 0.96
CA GLU C 43 -3.86 13.08 0.58
C GLU C 43 -4.42 14.41 0.08
N ILE C 44 -5.41 14.31 -0.80
CA ILE C 44 -6.23 15.43 -1.22
C ILE C 44 -7.67 15.03 -0.92
N ARG C 45 -8.32 15.80 -0.07
CA ARG C 45 -9.72 15.55 0.25
C ARG C 45 -10.40 16.89 0.41
N GLY C 46 -11.67 16.87 0.80
CA GLY C 46 -12.35 18.12 0.96
C GLY C 46 -13.78 17.92 1.35
N THR C 47 -14.48 19.03 1.51
CA THR C 47 -15.88 19.01 1.90
C THR C 47 -16.71 19.55 0.76
N ILE C 48 -18.00 19.23 0.78
CA ILE C 48 -18.91 19.58 -0.30
C ILE C 48 -20.01 20.45 0.25
N GLY C 49 -20.32 21.53 -0.47
CA GLY C 49 -21.45 22.39 -0.17
C GLY C 49 -22.31 22.57 -1.40
N GLU C 50 -23.19 23.56 -1.37
CA GLU C 50 -24.17 23.73 -2.44
C GLU C 50 -23.57 24.21 -3.75
N ALA C 51 -22.30 24.64 -3.73
CA ALA C 51 -21.57 25.06 -4.95
C ALA C 51 -20.49 24.10 -5.45
N GLY C 52 -20.45 22.88 -4.94
CA GLY C 52 -19.38 21.93 -5.27
C GLY C 52 -18.41 21.93 -4.11
N VAL C 53 -17.12 21.98 -4.39
CA VAL C 53 -16.12 22.01 -3.32
C VAL C 53 -16.35 23.20 -2.39
N LYS C 54 -16.44 22.90 -1.10
CA LYS C 54 -16.56 23.91 -0.07
C LYS C 54 -15.14 24.29 0.40
N GLU C 55 -14.38 23.27 0.77
CA GLU C 55 -13.04 23.43 1.23
C GLU C 55 -12.18 22.29 0.69
N TYR C 56 -11.09 22.65 0.01
CA TYR C 56 -10.04 21.68 -0.33
C TYR C 56 -9.17 21.51 0.91
N GLN C 57 -8.73 20.27 1.14
CA GLN C 57 -7.86 19.95 2.27
C GLN C 57 -6.73 19.07 1.78
N VAL C 58 -5.49 19.54 1.89
CA VAL C 58 -4.34 18.79 1.41
C VAL C 58 -3.53 18.39 2.61
N VAL C 59 -3.32 17.09 2.78
CA VAL C 59 -2.55 16.53 3.88
C VAL C 59 -1.13 16.43 3.31
N LEU C 60 -0.20 17.02 4.04
CA LEU C 60 1.13 17.36 3.55
C LEU C 60 2.13 16.96 4.62
N GLU C 61 3.21 16.27 4.26
CA GLU C 61 4.36 16.17 5.17
C GLU C 61 5.35 17.28 4.82
N VAL C 62 5.89 17.92 5.85
CA VAL C 62 6.78 19.04 5.67
C VAL C 62 8.08 18.72 6.40
N GLY C 63 9.19 18.73 5.68
CA GLY C 63 10.50 18.39 6.24
C GLY C 63 11.38 19.61 6.45
N PHE C 64 11.95 19.69 7.65
CA PHE C 64 12.85 20.79 8.03
C PHE C 64 14.10 20.29 8.73
N ARG C 65 15.22 20.96 8.46
CA ARG C 65 16.51 20.59 9.02
C ARG C 65 16.59 21.11 10.44
N LEU C 66 16.94 20.19 11.35
CA LEU C 66 17.13 20.54 12.76
C LEU C 66 18.46 21.25 12.95
N GLU C 67 18.42 22.39 13.64
CA GLU C 67 19.64 23.15 13.93
C GLU C 67 20.51 22.36 14.87
N GLU C 68 21.83 22.43 14.68
CA GLU C 68 22.80 21.74 15.55
C GLU C 68 23.25 22.61 16.73
N THR C 69 23.11 23.92 16.56
CA THR C 69 23.56 24.89 17.55
C THR C 69 22.47 25.92 17.76
N GLY D 2 21.59 -12.55 16.63
CA GLY D 2 20.98 -12.69 17.99
C GLY D 2 19.72 -13.53 17.98
N LYS D 3 18.73 -13.10 18.76
CA LYS D 3 17.43 -13.75 18.82
C LYS D 3 16.78 -13.80 17.44
N VAL D 4 15.97 -14.83 17.21
CA VAL D 4 15.15 -14.93 16.00
C VAL D 4 13.70 -15.18 16.39
N TYR D 5 12.78 -14.46 15.76
CA TYR D 5 11.35 -14.65 15.97
C TYR D 5 10.70 -15.21 14.73
N LYS D 6 9.59 -15.90 14.92
CA LYS D 6 8.73 -16.30 13.82
C LYS D 6 7.37 -15.65 14.00
N LYS D 7 6.78 -15.26 12.87
CA LYS D 7 5.45 -14.69 12.82
C LYS D 7 4.56 -15.64 12.04
N VAL D 8 3.40 -15.95 12.59
CA VAL D 8 2.40 -16.75 11.88
C VAL D 8 1.13 -15.92 11.73
N GLU D 9 0.42 -16.14 10.63
CA GLU D 9 -0.83 -15.44 10.34
C GLU D 9 -2.03 -16.30 10.73
N LEU D 10 -2.79 -15.83 11.71
CA LEU D 10 -3.97 -16.51 12.20
C LEU D 10 -5.22 -15.67 11.97
N VAL D 11 -6.35 -16.35 11.88
CA VAL D 11 -7.62 -15.67 11.79
C VAL D 11 -8.45 -16.10 12.99
N GLY D 12 -8.57 -15.21 13.95
CA GLY D 12 -9.48 -15.44 15.07
C GLY D 12 -10.90 -15.08 14.70
N THR D 13 -11.86 -15.87 15.16
CA THR D 13 -13.27 -15.59 14.89
C THR D 13 -14.11 -15.62 16.16
N SER D 14 -15.21 -14.85 16.14
CA SER D 14 -16.14 -14.80 17.25
C SER D 14 -17.45 -14.14 16.82
N GLU D 15 -18.55 -14.63 17.37
CA GLU D 15 -19.86 -14.04 17.14
C GLU D 15 -20.16 -12.89 18.09
N GLU D 16 -19.28 -12.63 19.07
CA GLU D 16 -19.48 -11.58 20.08
C GLU D 16 -18.84 -10.24 19.73
N GLY D 17 -17.62 -10.24 19.23
CA GLY D 17 -16.91 -8.99 18.97
C GLY D 17 -15.47 -9.10 18.54
N LEU D 18 -14.85 -7.93 18.37
CA LEU D 18 -13.49 -7.84 17.88
C LEU D 18 -12.47 -8.40 18.86
N GLU D 19 -12.50 -7.92 20.10
CA GLU D 19 -11.56 -8.38 21.10
C GLU D 19 -11.70 -9.90 21.30
N ALA D 20 -12.94 -10.39 21.34
CA ALA D 20 -13.20 -11.82 21.47
C ALA D 20 -12.58 -12.64 20.33
N ALA D 21 -12.64 -12.11 19.12
CA ALA D 21 -12.01 -12.77 17.97
C ALA D 21 -10.49 -12.81 18.09
N ILE D 22 -9.90 -11.70 18.51
CA ILE D 22 -8.44 -11.65 18.74
C ILE D 22 -8.05 -12.62 19.86
N GLN D 23 -8.83 -12.65 20.93
CA GLN D 23 -8.52 -13.51 22.07
C GLN D 23 -8.63 -14.99 21.69
N ALA D 24 -9.54 -15.31 20.78
CA ALA D 24 -9.72 -16.70 20.30
C ALA D 24 -8.46 -17.18 19.58
N ALA D 25 -7.88 -16.33 18.74
CA ALA D 25 -6.66 -16.68 18.04
C ALA D 25 -5.51 -16.88 19.00
N LEU D 26 -5.37 -15.98 19.98
CA LEU D 26 -4.30 -16.04 20.94
C LEU D 26 -4.45 -17.22 21.91
N ALA D 27 -5.69 -17.53 22.30
CA ALA D 27 -5.95 -18.66 23.17
C ALA D 27 -5.54 -19.95 22.51
N ARG D 28 -5.78 -20.05 21.20
CA ARG D 28 -5.33 -21.21 20.42
C ARG D 28 -3.81 -21.27 20.28
N ALA D 29 -3.18 -20.13 19.99
CA ALA D 29 -1.75 -20.05 19.88
C ALA D 29 -1.07 -20.56 21.16
N ARG D 30 -1.62 -20.15 22.30
CA ARG D 30 -1.12 -20.50 23.65
C ARG D 30 -1.10 -22.01 23.94
N LYS D 31 -1.95 -22.76 23.26
CA LYS D 31 -2.03 -24.20 23.49
C LYS D 31 -0.83 -24.99 22.94
N THR D 32 -0.12 -24.44 21.95
CA THR D 32 1.01 -25.14 21.36
C THR D 32 2.30 -24.34 21.21
N LEU D 33 2.24 -23.02 21.35
CA LEU D 33 3.40 -22.16 21.15
C LEU D 33 3.83 -21.48 22.45
N ARG D 34 5.14 -21.36 22.64
CA ARG D 34 5.75 -20.70 23.80
C ARG D 34 6.47 -19.45 23.35
N HIS D 35 6.70 -18.54 24.29
CA HIS D 35 7.31 -17.23 24.03
C HIS D 35 6.52 -16.37 23.03
N LEU D 36 5.20 -16.50 23.06
CA LEU D 36 4.30 -15.59 22.36
C LEU D 36 4.50 -14.18 22.92
N ASP D 37 4.84 -13.23 22.04
CA ASP D 37 5.26 -11.89 22.46
C ASP D 37 4.34 -10.78 21.99
N PHE D 38 4.02 -10.76 20.70
CA PHE D 38 3.27 -9.63 20.16
C PHE D 38 2.34 -10.04 19.04
N PHE D 39 1.39 -9.16 18.74
CA PHE D 39 0.47 -9.38 17.63
C PHE D 39 0.24 -8.08 16.84
N GLU D 40 -0.22 -8.27 15.61
CA GLU D 40 -0.46 -7.18 14.67
CA GLU D 40 -0.46 -7.19 14.69
C GLU D 40 -1.74 -7.49 13.92
N VAL D 41 -2.75 -6.62 14.03
CA VAL D 41 -4.00 -6.83 13.28
C VAL D 41 -3.76 -6.41 11.82
N LYS D 42 -3.98 -7.34 10.90
CA LYS D 42 -3.78 -7.07 9.48
C LYS D 42 -5.09 -6.67 8.82
N GLU D 43 -6.20 -7.24 9.30
CA GLU D 43 -7.44 -7.10 8.62
C GLU D 43 -8.58 -7.50 9.54
N ILE D 44 -9.69 -6.76 9.44
CA ILE D 44 -10.95 -7.07 10.12
C ILE D 44 -11.97 -7.33 9.02
N ARG D 45 -12.52 -8.55 9.02
CA ARG D 45 -13.50 -8.97 8.03
C ARG D 45 -14.61 -9.67 8.80
N GLY D 46 -15.60 -10.17 8.08
CA GLY D 46 -16.61 -10.99 8.72
C GLY D 46 -17.78 -11.32 7.83
N THR D 47 -18.73 -12.03 8.40
CA THR D 47 -19.89 -12.49 7.66
C THR D 47 -21.11 -11.74 8.16
N ILE D 48 -22.13 -11.68 7.33
CA ILE D 48 -23.36 -10.94 7.63
C ILE D 48 -24.52 -11.94 7.78
N GLY D 49 -25.32 -11.75 8.82
CA GLY D 49 -26.51 -12.57 9.03
C GLY D 49 -27.75 -11.70 9.18
N GLU D 50 -28.82 -12.32 9.68
CA GLU D 50 -30.12 -11.70 9.89
C GLU D 50 -30.08 -10.44 10.76
N ALA D 51 -29.20 -10.45 11.75
CA ALA D 51 -29.10 -9.38 12.73
C ALA D 51 -27.82 -8.55 12.58
N GLY D 52 -27.25 -8.54 11.38
CA GLY D 52 -26.01 -7.79 11.16
C GLY D 52 -24.84 -8.74 11.18
N VAL D 53 -23.81 -8.39 11.94
CA VAL D 53 -22.62 -9.24 11.97
C VAL D 53 -22.98 -10.62 12.50
N LYS D 54 -22.60 -11.66 11.76
CA LYS D 54 -22.75 -13.02 12.24
C LYS D 54 -21.48 -13.42 12.96
N GLU D 55 -20.36 -13.30 12.27
CA GLU D 55 -19.06 -13.62 12.82
C GLU D 55 -18.04 -12.53 12.51
N TYR D 56 -17.32 -12.07 13.51
CA TYR D 56 -16.14 -11.23 13.29
C TYR D 56 -14.97 -12.13 12.98
N GLN D 57 -14.15 -11.70 12.03
CA GLN D 57 -12.96 -12.47 11.67
C GLN D 57 -11.77 -11.53 11.61
N VAL D 58 -10.86 -11.70 12.55
CA VAL D 58 -9.73 -10.79 12.67
C VAL D 58 -8.46 -11.52 12.25
N VAL D 59 -7.88 -11.06 11.14
CA VAL D 59 -6.64 -11.60 10.63
C VAL D 59 -5.48 -10.93 11.39
N LEU D 60 -4.69 -11.75 12.08
CA LEU D 60 -3.63 -11.33 13.00
C LEU D 60 -2.31 -11.95 12.60
N GLU D 61 -1.22 -11.19 12.72
CA GLU D 61 0.11 -11.79 12.74
CA GLU D 61 0.14 -11.75 12.75
C GLU D 61 0.54 -11.92 14.20
N VAL D 62 1.09 -13.08 14.53
CA VAL D 62 1.45 -13.40 15.90
C VAL D 62 2.93 -13.75 15.90
N GLY D 63 3.71 -13.03 16.69
CA GLY D 63 5.14 -13.22 16.77
C GLY D 63 5.54 -13.91 18.05
N PHE D 64 6.43 -14.88 17.92
CA PHE D 64 6.98 -15.59 19.08
C PHE D 64 8.48 -15.82 18.92
N ARG D 65 9.21 -15.79 20.03
CA ARG D 65 10.65 -15.99 19.99
C ARG D 65 10.97 -17.46 19.86
N LEU D 66 11.88 -17.79 18.95
CA LEU D 66 12.30 -19.17 18.75
C LEU D 66 13.27 -19.61 19.85
N GLU D 67 13.03 -20.78 20.39
CA GLU D 67 13.92 -21.37 21.40
C GLU D 67 15.20 -21.91 20.77
N GLU D 68 16.18 -22.23 21.61
CA GLU D 68 17.38 -22.98 21.21
C GLU D 68 18.24 -22.24 20.20
N THR D 69 18.87 -21.24 20.55
N GLY E 2 -6.66 28.82 4.27
CA GLY E 2 -7.72 28.80 5.31
C GLY E 2 -7.15 28.37 6.65
N LYS E 3 -7.89 27.50 7.35
CA LYS E 3 -7.42 26.93 8.61
C LYS E 3 -6.29 25.93 8.32
N VAL E 4 -5.41 25.72 9.30
CA VAL E 4 -4.37 24.70 9.20
C VAL E 4 -4.46 23.77 10.40
N TYR E 5 -4.31 22.47 10.14
CA TYR E 5 -4.34 21.45 11.18
C TYR E 5 -3.01 20.77 11.27
N LYS E 6 -2.69 20.27 12.46
CA LYS E 6 -1.57 19.37 12.62
C LYS E 6 -2.07 18.00 13.04
N LYS E 7 -1.39 16.96 12.57
CA LYS E 7 -1.65 15.59 12.96
C LYS E 7 -0.45 15.05 13.71
N VAL E 8 -0.69 14.50 14.89
CA VAL E 8 0.35 13.82 15.65
C VAL E 8 0.01 12.34 15.81
N GLU E 9 1.04 11.49 15.75
CA GLU E 9 0.87 10.05 15.87
C GLU E 9 1.07 9.63 17.33
N LEU E 10 -0.01 9.15 17.93
CA LEU E 10 -0.01 8.69 19.31
C LEU E 10 -0.27 7.21 19.33
N VAL E 11 0.20 6.53 20.37
CA VAL E 11 -0.16 5.15 20.63
C VAL E 11 -0.83 5.08 21.99
N GLY E 12 -2.11 4.78 21.99
CA GLY E 12 -2.89 4.61 23.22
C GLY E 12 -2.87 3.13 23.58
N THR E 13 -2.78 2.83 24.87
CA THR E 13 -2.75 1.44 25.32
C THR E 13 -3.82 1.16 26.36
N SER E 14 -4.21 -0.11 26.44
CA SER E 14 -5.17 -0.54 27.44
C SER E 14 -5.13 -2.06 27.56
N GLU E 15 -5.36 -2.54 28.78
CA GLU E 15 -5.58 -3.97 28.97
C GLU E 15 -7.04 -4.35 28.80
N GLU E 16 -7.91 -3.34 28.62
CA GLU E 16 -9.35 -3.55 28.62
C GLU E 16 -9.87 -3.87 27.22
N GLY E 17 -9.49 -3.04 26.26
CA GLY E 17 -10.03 -3.15 24.91
C GLY E 17 -9.55 -2.05 23.99
N LEU E 18 -10.05 -2.08 22.76
CA LEU E 18 -9.62 -1.16 21.72
C LEU E 18 -10.11 0.27 21.95
N GLU E 19 -11.40 0.42 22.29
CA GLU E 19 -11.98 1.72 22.57
C GLU E 19 -11.27 2.37 23.75
N ALA E 20 -10.93 1.59 24.77
CA ALA E 20 -10.21 2.12 25.93
C ALA E 20 -8.83 2.64 25.56
N ALA E 21 -8.13 1.93 24.67
CA ALA E 21 -6.82 2.33 24.19
C ALA E 21 -6.91 3.67 23.46
N ILE E 22 -7.92 3.79 22.58
CA ILE E 22 -8.18 5.03 21.85
C ILE E 22 -8.47 6.17 22.81
N GLN E 23 -9.34 5.91 23.77
CA GLN E 23 -9.70 6.93 24.74
C GLN E 23 -8.51 7.36 25.61
N ALA E 24 -7.58 6.44 25.89
CA ALA E 24 -6.38 6.76 26.66
C ALA E 24 -5.50 7.78 25.93
N ALA E 25 -5.35 7.59 24.62
CA ALA E 25 -4.56 8.53 23.83
C ALA E 25 -5.19 9.91 23.80
N LEU E 26 -6.50 9.94 23.57
CA LEU E 26 -7.23 11.21 23.49
C LEU E 26 -7.32 11.93 24.85
N ALA E 27 -7.43 11.15 25.92
CA ALA E 27 -7.44 11.69 27.29
C ALA E 27 -6.15 12.41 27.60
N ARG E 28 -5.04 11.82 27.16
CA ARG E 28 -3.74 12.44 27.32
C ARG E 28 -3.64 13.69 26.42
N ALA E 29 -4.12 13.56 25.18
CA ALA E 29 -4.02 14.66 24.23
C ALA E 29 -4.68 15.92 24.76
N ARG E 30 -5.86 15.77 25.37
CA ARG E 30 -6.65 16.93 25.79
C ARG E 30 -6.11 17.66 27.00
N LYS E 31 -5.10 17.09 27.67
CA LYS E 31 -4.43 17.79 28.77
C LYS E 31 -3.53 18.93 28.30
N THR E 32 -2.99 18.82 27.09
CA THR E 32 -2.03 19.81 26.62
C THR E 32 -2.36 20.44 25.26
N LEU E 33 -3.29 19.85 24.51
CA LEU E 33 -3.65 20.33 23.17
C LEU E 33 -5.09 20.83 23.09
N ARG E 34 -5.28 21.97 22.44
CA ARG E 34 -6.59 22.57 22.24
C ARG E 34 -7.03 22.30 20.79
N HIS E 35 -8.34 22.31 20.58
CA HIS E 35 -8.98 22.19 19.27
C HIS E 35 -8.76 20.82 18.61
N LEU E 36 -8.81 19.77 19.44
CA LEU E 36 -8.73 18.40 18.96
C LEU E 36 -9.99 18.11 18.15
N ASP E 37 -9.81 17.61 16.92
CA ASP E 37 -10.93 17.50 15.99
C ASP E 37 -11.23 16.09 15.53
N PHE E 38 -10.22 15.38 15.05
CA PHE E 38 -10.45 14.08 14.45
C PHE E 38 -9.31 13.11 14.76
N PHE E 39 -9.57 11.83 14.51
CA PHE E 39 -8.54 10.80 14.62
C PHE E 39 -8.71 9.75 13.53
N GLU E 40 -7.60 9.06 13.25
CA GLU E 40 -7.54 7.98 12.28
CA GLU E 40 -7.54 7.99 12.27
C GLU E 40 -6.73 6.85 12.88
N VAL E 41 -7.29 5.64 12.91
CA VAL E 41 -6.53 4.51 13.41
C VAL E 41 -5.58 4.06 12.28
N LYS E 42 -4.30 3.99 12.60
N LYS E 42 -4.29 4.00 12.60
CA LYS E 42 -3.29 3.55 11.64
CA LYS E 42 -3.30 3.56 11.63
C LYS E 42 -2.96 2.07 11.79
C LYS E 42 -2.99 2.07 11.78
N GLU E 43 -3.00 1.57 13.01
CA GLU E 43 -2.62 0.19 13.28
C GLU E 43 -3.14 -0.26 14.62
N ILE E 44 -3.46 -1.54 14.71
CA ILE E 44 -3.80 -2.16 15.98
C ILE E 44 -2.75 -3.25 16.23
N ARG E 45 -2.00 -3.08 17.32
CA ARG E 45 -0.96 -4.01 17.73
C ARG E 45 -1.21 -4.37 19.19
N GLY E 46 -0.33 -5.18 19.74
CA GLY E 46 -0.39 -5.47 21.16
C GLY E 46 0.57 -6.54 21.62
N THR E 47 0.49 -6.82 22.90
CA THR E 47 1.39 -7.76 23.54
C THR E 47 0.56 -8.95 24.01
N ILE E 48 1.23 -10.07 24.20
CA ILE E 48 0.60 -11.31 24.59
C ILE E 48 1.17 -11.73 25.94
N GLY E 49 0.30 -12.16 26.83
CA GLY E 49 0.73 -12.68 28.13
C GLY E 49 0.05 -13.99 28.45
N GLU E 50 0.08 -14.35 29.73
CA GLU E 50 -0.51 -15.59 30.24
C GLU E 50 -1.98 -15.77 29.83
N ALA E 51 -2.74 -14.67 29.82
CA ALA E 51 -4.18 -14.73 29.59
C ALA E 51 -4.62 -14.30 28.18
N GLY E 52 -3.72 -14.33 27.22
CA GLY E 52 -4.01 -13.88 25.87
C GLY E 52 -3.50 -12.47 25.67
N VAL E 53 -4.39 -11.54 25.31
CA VAL E 53 -4.00 -10.15 25.13
C VAL E 53 -3.54 -9.61 26.49
N LYS E 54 -2.33 -9.09 26.55
CA LYS E 54 -1.87 -8.36 27.72
C LYS E 54 -2.28 -6.90 27.58
N GLU E 55 -1.85 -6.28 26.47
CA GLU E 55 -2.08 -4.88 26.23
C GLU E 55 -2.47 -4.66 24.77
N TYR E 56 -3.60 -4.01 24.54
CA TYR E 56 -3.96 -3.48 23.23
C TYR E 56 -3.22 -2.17 23.01
N GLN E 57 -2.68 -1.98 21.82
CA GLN E 57 -1.94 -0.77 21.48
C GLN E 57 -2.46 -0.27 20.14
N VAL E 58 -3.14 0.87 20.18
CA VAL E 58 -3.77 1.43 18.99
C VAL E 58 -2.99 2.65 18.56
N VAL E 59 -2.41 2.56 17.36
CA VAL E 59 -1.61 3.61 16.78
C VAL E 59 -2.60 4.54 16.05
N LEU E 60 -2.63 5.79 16.49
CA LEU E 60 -3.64 6.75 16.09
C LEU E 60 -2.98 8.02 15.55
N GLU E 61 -3.51 8.58 14.48
CA GLU E 61 -3.23 9.98 14.12
C GLU E 61 -4.32 10.85 14.71
N VAL E 62 -3.93 11.86 15.47
CA VAL E 62 -4.84 12.83 16.09
C VAL E 62 -4.62 14.20 15.43
N GLY E 63 -5.69 14.77 14.90
CA GLY E 63 -5.67 16.05 14.21
C GLY E 63 -6.30 17.15 15.02
N PHE E 64 -5.62 18.30 15.09
CA PHE E 64 -6.11 19.43 15.84
C PHE E 64 -5.83 20.71 15.07
N ARG E 65 -6.70 21.68 15.23
CA ARG E 65 -6.59 22.94 14.51
C ARG E 65 -5.52 23.80 15.17
N LEU E 66 -4.59 24.30 14.37
CA LEU E 66 -3.51 25.15 14.85
C LEU E 66 -4.03 26.57 15.06
N GLU E 67 -3.62 27.20 16.15
CA GLU E 67 -4.12 28.51 16.50
C GLU E 67 -3.45 29.61 15.70
N GLU E 68 -4.20 30.71 15.54
CA GLU E 68 -3.74 31.95 14.91
C GLU E 68 -3.13 31.73 13.52
N THR E 69 -3.81 32.03 12.54
N GLY F 2 -20.07 -17.39 -13.37
CA GLY F 2 -20.95 -17.93 -12.29
C GLY F 2 -21.77 -16.84 -11.59
N LYS F 3 -21.85 -16.94 -10.27
CA LYS F 3 -22.49 -15.91 -9.48
C LYS F 3 -21.67 -14.61 -9.65
N VAL F 4 -22.33 -13.47 -9.48
CA VAL F 4 -21.67 -12.17 -9.42
C VAL F 4 -22.08 -11.48 -8.12
N TYR F 5 -21.11 -10.85 -7.47
CA TYR F 5 -21.33 -10.08 -6.26
C TYR F 5 -21.05 -8.63 -6.53
N LYS F 6 -21.64 -7.76 -5.73
CA LYS F 6 -21.28 -6.34 -5.71
C LYS F 6 -20.83 -5.95 -4.31
N LYS F 7 -19.88 -5.04 -4.23
CA LYS F 7 -19.43 -4.47 -2.99
C LYS F 7 -19.76 -2.99 -3.02
N VAL F 8 -20.31 -2.52 -1.92
CA VAL F 8 -20.55 -1.11 -1.73
C VAL F 8 -19.81 -0.61 -0.50
N GLU F 9 -19.32 0.63 -0.56
CA GLU F 9 -18.57 1.21 0.53
C GLU F 9 -19.48 2.10 1.37
N LEU F 10 -19.66 1.70 2.62
CA LEU F 10 -20.50 2.42 3.62
C LEU F 10 -19.63 2.95 4.76
N VAL F 11 -20.12 4.01 5.40
CA VAL F 11 -19.50 4.46 6.63
C VAL F 11 -20.54 4.37 7.74
N GLY F 12 -20.34 3.46 8.65
CA GLY F 12 -21.20 3.33 9.82
C GLY F 12 -20.66 4.22 10.92
N THR F 13 -21.54 4.90 11.65
CA THR F 13 -21.10 5.73 12.77
C THR F 13 -21.82 5.37 14.06
N SER F 14 -21.15 5.62 15.18
CA SER F 14 -21.73 5.42 16.51
C SER F 14 -20.95 6.20 17.55
N GLU F 15 -21.67 6.68 18.56
CA GLU F 15 -21.04 7.27 19.75
C GLU F 15 -20.56 6.19 20.72
N GLU F 16 -21.06 4.95 20.58
CA GLU F 16 -20.79 3.90 21.57
C GLU F 16 -19.47 3.19 21.32
N GLY F 17 -19.23 2.71 20.11
CA GLY F 17 -18.04 1.90 19.87
C GLY F 17 -17.91 1.45 18.44
N LEU F 18 -16.88 0.63 18.19
CA LEU F 18 -16.55 0.15 16.85
C LEU F 18 -17.56 -0.84 16.32
N GLU F 19 -17.89 -1.84 17.13
CA GLU F 19 -18.91 -2.81 16.76
C GLU F 19 -20.26 -2.11 16.48
N ALA F 20 -20.63 -1.15 17.33
CA ALA F 20 -21.87 -0.39 17.11
C ALA F 20 -21.88 0.33 15.75
N ALA F 21 -20.75 0.90 15.34
CA ALA F 21 -20.65 1.61 14.09
C ALA F 21 -20.81 0.66 12.88
N ILE F 22 -20.10 -0.46 12.93
CA ILE F 22 -20.23 -1.55 11.96
C ILE F 22 -21.69 -1.99 11.84
N GLN F 23 -22.34 -2.22 12.99
CA GLN F 23 -23.72 -2.69 13.02
C GLN F 23 -24.69 -1.64 12.45
N ALA F 24 -24.41 -0.35 12.65
CA ALA F 24 -25.26 0.69 12.11
C ALA F 24 -25.28 0.64 10.60
N ALA F 25 -24.10 0.45 10.00
CA ALA F 25 -23.99 0.32 8.54
C ALA F 25 -24.74 -0.89 8.02
N LEU F 26 -24.52 -2.05 8.66
CA LEU F 26 -25.17 -3.29 8.22
C LEU F 26 -26.70 -3.26 8.42
N ALA F 27 -27.16 -2.63 9.49
CA ALA F 27 -28.60 -2.44 9.75
C ALA F 27 -29.27 -1.65 8.64
N ARG F 28 -28.62 -0.59 8.19
CA ARG F 28 -29.14 0.20 7.08
C ARG F 28 -29.09 -0.61 5.77
N ALA F 29 -28.00 -1.36 5.55
CA ALA F 29 -27.87 -2.19 4.35
C ALA F 29 -29.03 -3.21 4.25
N ARG F 30 -29.33 -3.83 5.38
CA ARG F 30 -30.39 -4.82 5.53
C ARG F 30 -31.79 -4.30 5.15
N LYS F 31 -32.02 -3.01 5.28
CA LYS F 31 -33.33 -2.42 4.93
C LYS F 31 -33.66 -2.50 3.43
N THR F 32 -32.66 -2.42 2.56
CA THR F 32 -32.93 -2.39 1.13
C THR F 32 -32.18 -3.43 0.28
N LEU F 33 -31.20 -4.11 0.87
CA LEU F 33 -30.37 -5.08 0.12
C LEU F 33 -30.54 -6.52 0.60
N ARG F 34 -30.66 -7.42 -0.37
CA ARG F 34 -30.77 -8.85 -0.11
C ARG F 34 -29.45 -9.56 -0.39
N HIS F 35 -29.25 -10.71 0.26
CA HIS F 35 -28.06 -11.55 0.06
C HIS F 35 -26.77 -10.86 0.48
N LEU F 36 -26.86 -10.07 1.54
CA LEU F 36 -25.68 -9.53 2.23
C LEU F 36 -24.88 -10.69 2.79
N ASP F 37 -23.60 -10.78 2.43
CA ASP F 37 -22.78 -11.93 2.74
C ASP F 37 -21.57 -11.64 3.61
N PHE F 38 -20.77 -10.64 3.25
CA PHE F 38 -19.50 -10.41 3.94
C PHE F 38 -19.19 -8.93 4.04
N PHE F 39 -18.30 -8.58 4.95
CA PHE F 39 -17.80 -7.21 5.06
C PHE F 39 -16.28 -7.21 5.27
N GLU F 40 -15.69 -6.05 4.98
CA GLU F 40 -14.26 -5.81 5.16
C GLU F 40 -14.15 -4.39 5.73
N VAL F 41 -13.48 -4.25 6.86
CA VAL F 41 -13.17 -2.94 7.42
C VAL F 41 -12.03 -2.31 6.66
N LYS F 42 -12.25 -1.11 6.15
CA LYS F 42 -11.21 -0.40 5.42
C LYS F 42 -10.51 0.66 6.26
N GLU F 43 -11.25 1.36 7.11
CA GLU F 43 -10.71 2.42 7.96
C GLU F 43 -11.51 2.51 9.23
N ILE F 44 -10.83 2.87 10.31
CA ILE F 44 -11.45 3.30 11.56
C ILE F 44 -11.00 4.74 11.84
N ARG F 45 -11.95 5.65 11.95
CA ARG F 45 -11.66 7.04 12.22
C ARG F 45 -12.75 7.61 13.09
N GLY F 46 -12.71 8.90 13.37
CA GLY F 46 -13.69 9.46 14.28
C GLY F 46 -13.45 10.90 14.57
N THR F 47 -14.35 11.45 15.36
CA THR F 47 -14.28 12.84 15.77
C THR F 47 -14.03 12.85 17.28
N ILE F 48 -13.53 13.99 17.75
CA ILE F 48 -13.12 14.17 19.13
C ILE F 48 -13.97 15.28 19.72
N GLY F 49 -14.43 15.09 20.95
CA GLY F 49 -15.20 16.09 21.67
C GLY F 49 -14.71 16.22 23.10
N GLU F 50 -15.57 16.75 23.97
CA GLU F 50 -15.20 17.09 25.35
C GLU F 50 -14.72 15.89 26.17
N ALA F 51 -15.27 14.73 25.88
CA ALA F 51 -15.00 13.53 26.66
C ALA F 51 -14.17 12.51 25.87
N GLY F 52 -13.43 12.98 24.87
CA GLY F 52 -12.65 12.07 24.03
C GLY F 52 -13.38 11.77 22.74
N VAL F 53 -13.55 10.49 22.41
CA VAL F 53 -14.23 10.11 21.17
C VAL F 53 -15.65 10.62 21.22
N LYS F 54 -16.03 11.39 20.21
CA LYS F 54 -17.40 11.85 20.03
C LYS F 54 -18.16 10.83 19.21
N GLU F 55 -17.60 10.46 18.06
CA GLU F 55 -18.24 9.52 17.17
C GLU F 55 -17.15 8.62 16.57
N TYR F 56 -17.38 7.31 16.59
CA TYR F 56 -16.58 6.35 15.84
C TYR F 56 -17.16 6.24 14.44
N GLN F 57 -16.29 6.15 13.45
CA GLN F 57 -16.72 6.07 12.07
C GLN F 57 -15.94 4.94 11.45
N VAL F 58 -16.64 3.92 10.97
CA VAL F 58 -15.98 2.76 10.41
C VAL F 58 -16.38 2.65 8.94
N VAL F 59 -15.36 2.74 8.08
CA VAL F 59 -15.53 2.62 6.67
C VAL F 59 -15.45 1.14 6.37
N LEU F 60 -16.45 0.65 5.66
CA LEU F 60 -16.70 -0.77 5.51
C LEU F 60 -17.06 -1.06 4.05
N GLU F 61 -16.51 -2.13 3.48
CA GLU F 61 -16.99 -2.66 2.21
C GLU F 61 -17.96 -3.77 2.55
N VAL F 62 -19.11 -3.78 1.92
CA VAL F 62 -20.18 -4.75 2.19
C VAL F 62 -20.44 -5.48 0.86
N GLY F 63 -20.24 -6.79 0.84
CA GLY F 63 -20.48 -7.61 -0.35
C GLY F 63 -21.80 -8.33 -0.30
N PHE F 64 -22.52 -8.27 -1.40
CA PHE F 64 -23.77 -8.97 -1.54
C PHE F 64 -23.90 -9.66 -2.90
N ARG F 65 -24.60 -10.78 -2.94
CA ARG F 65 -24.78 -11.49 -4.21
C ARG F 65 -25.86 -10.83 -5.02
N LEU F 66 -25.58 -10.57 -6.29
CA LEU F 66 -26.58 -10.02 -7.19
C LEU F 66 -27.56 -11.12 -7.54
N GLU F 67 -28.84 -10.85 -7.35
CA GLU F 67 -29.78 -11.92 -7.56
C GLU F 67 -30.14 -12.04 -9.03
N GLU F 68 -30.74 -13.17 -9.40
N GLU F 68 -30.49 -13.28 -9.36
CA GLU F 68 -31.40 -13.32 -10.72
CA GLU F 68 -30.68 -13.73 -10.71
C GLU F 68 -30.41 -13.71 -11.81
C GLU F 68 -31.95 -13.13 -11.28
N THR F 69 -29.80 -14.78 -11.73
N THR F 69 -33.00 -13.19 -10.65
N GLY G 2 -16.17 17.99 -18.03
CA GLY G 2 -16.85 17.36 -19.19
C GLY G 2 -17.53 16.04 -18.83
N LYS G 3 -16.99 14.94 -19.35
N LYS G 3 -16.95 14.94 -19.30
CA LYS G 3 -17.55 13.62 -19.05
CA LYS G 3 -17.53 13.61 -19.05
C LYS G 3 -17.33 13.24 -17.58
C LYS G 3 -17.33 13.24 -17.58
N VAL G 4 -18.27 12.50 -17.02
CA VAL G 4 -18.13 11.93 -15.69
C VAL G 4 -18.34 10.42 -15.83
N TYR G 5 -17.47 9.64 -15.17
CA TYR G 5 -17.56 8.19 -15.13
C TYR G 5 -17.82 7.74 -13.69
N LYS G 6 -18.35 6.54 -13.56
CA LYS G 6 -18.50 5.89 -12.28
C LYS G 6 -17.82 4.55 -12.30
N LYS G 7 -17.23 4.17 -11.17
CA LYS G 7 -16.64 2.86 -10.99
C LYS G 7 -17.44 2.07 -9.96
N VAL G 8 -17.80 0.86 -10.33
N VAL G 8 -17.81 0.86 -10.32
CA VAL G 8 -18.47 -0.09 -9.45
CA VAL G 8 -18.45 -0.07 -9.38
C VAL G 8 -17.51 -1.25 -9.19
C VAL G 8 -17.64 -1.34 -9.22
N GLU G 9 -17.55 -1.79 -7.98
CA GLU G 9 -16.74 -2.93 -7.60
C GLU G 9 -17.56 -4.18 -7.63
N LEU G 10 -17.25 -5.07 -8.56
CA LEU G 10 -17.95 -6.31 -8.75
C LEU G 10 -17.00 -7.46 -8.48
N VAL G 11 -17.58 -8.61 -8.14
CA VAL G 11 -16.83 -9.84 -8.02
C VAL G 11 -17.43 -10.86 -8.99
N GLY G 12 -16.69 -11.16 -10.04
CA GLY G 12 -17.04 -12.22 -10.96
C GLY G 12 -16.48 -13.53 -10.46
N THR G 13 -17.25 -14.60 -10.65
CA THR G 13 -16.83 -15.92 -10.18
C THR G 13 -17.05 -16.94 -11.28
N SER G 14 -16.26 -18.00 -11.20
CA SER G 14 -16.32 -19.08 -12.17
C SER G 14 -15.59 -20.27 -11.60
N GLU G 15 -16.08 -21.46 -11.91
CA GLU G 15 -15.34 -22.68 -11.64
C GLU G 15 -14.32 -23.02 -12.76
N GLU G 16 -14.35 -22.29 -13.87
CA GLU G 16 -13.50 -22.58 -15.03
C GLU G 16 -12.13 -21.90 -14.98
N GLY G 17 -12.09 -20.60 -14.71
CA GLY G 17 -10.82 -19.88 -14.73
C GLY G 17 -10.93 -18.39 -14.50
N LEU G 18 -9.79 -17.71 -14.61
CA LEU G 18 -9.70 -16.29 -14.30
C LEU G 18 -10.46 -15.45 -15.32
N GLU G 19 -10.21 -15.69 -16.61
CA GLU G 19 -10.87 -14.93 -17.67
C GLU G 19 -12.39 -15.11 -17.60
N ALA G 20 -12.83 -16.33 -17.28
CA ALA G 20 -14.25 -16.65 -17.19
C ALA G 20 -14.90 -15.91 -16.03
N ALA G 21 -14.21 -15.76 -14.91
CA ALA G 21 -14.74 -15.01 -13.75
C ALA G 21 -14.93 -13.54 -14.13
N ILE G 22 -13.92 -12.96 -14.79
CA ILE G 22 -13.97 -11.57 -15.25
C ILE G 22 -15.13 -11.39 -16.23
N GLN G 23 -15.21 -12.27 -17.21
CA GLN G 23 -16.27 -12.22 -18.23
C GLN G 23 -17.67 -12.33 -17.60
N ALA G 24 -17.81 -13.15 -16.56
CA ALA G 24 -19.06 -13.31 -15.82
C ALA G 24 -19.51 -11.99 -15.22
N ALA G 25 -18.59 -11.26 -14.59
CA ALA G 25 -18.91 -9.95 -14.02
C ALA G 25 -19.37 -9.00 -15.11
N LEU G 26 -18.63 -8.96 -16.23
CA LEU G 26 -18.92 -8.04 -17.30
C LEU G 26 -20.20 -8.37 -18.04
N ALA G 27 -20.49 -9.66 -18.20
CA ALA G 27 -21.75 -10.11 -18.82
C ALA G 27 -22.97 -9.64 -18.02
N ARG G 28 -22.88 -9.71 -16.70
CA ARG G 28 -23.97 -9.25 -15.84
C ARG G 28 -24.09 -7.74 -15.89
N ALA G 29 -22.97 -7.03 -15.81
CA ALA G 29 -22.97 -5.58 -15.89
C ALA G 29 -23.69 -5.07 -17.13
N ARG G 30 -23.43 -5.68 -18.29
CA ARG G 30 -24.02 -5.18 -19.54
C ARG G 30 -25.51 -5.46 -19.67
N LYS G 31 -26.07 -6.29 -18.80
CA LYS G 31 -27.51 -6.47 -18.78
C LYS G 31 -28.25 -5.19 -18.40
N THR G 32 -27.61 -4.33 -17.61
CA THR G 32 -28.27 -3.14 -17.10
C THR G 32 -27.51 -1.82 -17.32
N LEU G 33 -26.19 -1.89 -17.48
CA LEU G 33 -25.37 -0.70 -17.63
C LEU G 33 -24.90 -0.46 -19.07
N ARG G 34 -25.01 0.79 -19.50
CA ARG G 34 -24.53 1.22 -20.80
C ARG G 34 -23.23 1.99 -20.62
N HIS G 35 -22.48 2.05 -21.70
CA HIS G 35 -21.22 2.79 -21.77
C HIS G 35 -20.12 2.22 -20.87
N LEU G 36 -20.16 0.89 -20.69
CA LEU G 36 -19.08 0.16 -20.00
C LEU G 36 -17.78 0.31 -20.82
N ASP G 37 -16.71 0.79 -20.16
CA ASP G 37 -15.50 1.22 -20.87
C ASP G 37 -14.24 0.45 -20.46
N PHE G 38 -13.97 0.39 -19.15
CA PHE G 38 -12.74 -0.24 -18.67
C PHE G 38 -12.94 -0.98 -17.36
N PHE G 39 -12.00 -1.86 -17.05
CA PHE G 39 -11.99 -2.57 -15.78
C PHE G 39 -10.59 -2.63 -15.22
N GLU G 40 -10.51 -2.85 -13.92
CA GLU G 40 -9.25 -2.98 -13.22
C GLU G 40 -9.42 -4.11 -12.21
N VAL G 41 -8.55 -5.11 -12.25
CA VAL G 41 -8.57 -6.18 -11.28
C VAL G 41 -7.97 -5.70 -9.96
N LYS G 42 -8.75 -5.80 -8.87
CA LYS G 42 -8.31 -5.38 -7.53
C LYS G 42 -7.76 -6.56 -6.74
N GLU G 43 -8.34 -7.74 -6.93
CA GLU G 43 -7.81 -8.95 -6.31
C GLU G 43 -8.37 -10.22 -6.91
N ILE G 44 -7.62 -11.30 -6.65
CA ILE G 44 -7.94 -12.63 -7.14
C ILE G 44 -7.98 -13.47 -5.87
N ARG G 45 -9.14 -14.03 -5.60
CA ARG G 45 -9.38 -14.84 -4.39
C ARG G 45 -10.11 -16.08 -4.86
N GLY G 46 -10.42 -16.98 -3.94
CA GLY G 46 -11.22 -18.14 -4.31
C GLY G 46 -11.40 -19.13 -3.21
N THR G 47 -12.16 -20.17 -3.52
CA THR G 47 -12.46 -21.21 -2.55
C THR G 47 -11.75 -22.49 -2.98
N ILE G 48 -11.52 -23.37 -2.03
CA ILE G 48 -10.76 -24.60 -2.24
C ILE G 48 -11.69 -25.78 -1.95
N GLY G 49 -11.61 -26.80 -2.81
CA GLY G 49 -12.44 -28.00 -2.69
C GLY G 49 -11.58 -29.25 -2.86
N GLU G 50 -12.21 -30.38 -3.17
CA GLU G 50 -11.50 -31.65 -3.26
C GLU G 50 -10.52 -31.75 -4.43
N ALA G 51 -10.74 -30.94 -5.45
CA ALA G 51 -9.92 -30.96 -6.66
C ALA G 51 -9.08 -29.71 -6.83
N GLY G 52 -8.83 -29.00 -5.72
CA GLY G 52 -8.10 -27.74 -5.77
C GLY G 52 -9.05 -26.57 -5.80
N VAL G 53 -8.89 -25.67 -6.76
CA VAL G 53 -9.76 -24.49 -6.86
C VAL G 53 -11.20 -24.98 -7.03
N LYS G 54 -12.10 -24.45 -6.23
CA LYS G 54 -13.50 -24.74 -6.39
C LYS G 54 -14.11 -23.62 -7.23
N GLU G 55 -13.92 -22.39 -6.78
CA GLU G 55 -14.39 -21.22 -7.49
C GLU G 55 -13.30 -20.13 -7.45
N TYR G 56 -12.96 -19.60 -8.62
CA TYR G 56 -12.16 -18.38 -8.75
C TYR G 56 -13.09 -17.17 -8.55
N GLN G 57 -12.61 -16.19 -7.80
CA GLN G 57 -13.39 -14.99 -7.48
C GLN G 57 -12.51 -13.77 -7.78
N VAL G 58 -12.87 -13.02 -8.83
CA VAL G 58 -12.05 -11.90 -9.28
C VAL G 58 -12.79 -10.61 -8.92
N VAL G 59 -12.17 -9.82 -8.05
CA VAL G 59 -12.68 -8.53 -7.60
C VAL G 59 -12.19 -7.51 -8.61
N LEU G 60 -13.17 -6.84 -9.21
CA LEU G 60 -13.05 -6.04 -10.42
C LEU G 60 -13.69 -4.66 -10.19
N GLU G 61 -12.98 -3.57 -10.48
CA GLU G 61 -13.63 -2.28 -10.64
CA GLU G 61 -13.61 -2.26 -10.63
C GLU G 61 -13.98 -2.12 -12.10
N VAL G 62 -15.23 -1.76 -12.35
CA VAL G 62 -15.73 -1.59 -13.69
C VAL G 62 -16.14 -0.13 -13.85
N GLY G 63 -15.51 0.54 -14.81
CA GLY G 63 -15.79 1.94 -15.12
C GLY G 63 -16.70 2.13 -16.31
N PHE G 64 -17.69 3.02 -16.16
CA PHE G 64 -18.60 3.34 -17.22
C PHE G 64 -18.93 4.82 -17.24
N ARG G 65 -19.17 5.34 -18.44
CA ARG G 65 -19.56 6.73 -18.59
C ARG G 65 -21.01 6.95 -18.15
N LEU G 66 -21.20 7.98 -17.32
CA LEU G 66 -22.54 8.34 -16.84
C LEU G 66 -23.25 9.19 -17.88
N GLU G 67 -24.49 8.84 -18.16
CA GLU G 67 -25.37 9.61 -19.03
C GLU G 67 -25.97 10.78 -18.27
N GLU G 68 -26.15 11.88 -19.00
CA GLU G 68 -27.00 13.01 -18.60
C GLU G 68 -26.14 14.04 -17.90
N THR G 69 -26.15 15.23 -18.26
N GLY H 2 28.27 -5.44 -7.81
CA GLY H 2 28.31 -6.67 -8.67
C GLY H 2 27.47 -6.50 -9.92
N LYS H 3 26.73 -7.56 -10.27
CA LYS H 3 25.82 -7.51 -11.41
C LYS H 3 24.77 -6.43 -11.17
N VAL H 4 24.29 -5.80 -12.24
CA VAL H 4 23.25 -4.80 -12.15
C VAL H 4 22.17 -5.11 -13.17
N TYR H 5 20.91 -4.97 -12.74
CA TYR H 5 19.77 -5.19 -13.63
C TYR H 5 19.01 -3.88 -13.83
N LYS H 6 18.30 -3.78 -14.94
CA LYS H 6 17.32 -2.72 -15.13
C LYS H 6 15.94 -3.36 -15.20
N LYS H 7 14.95 -2.62 -14.71
CA LYS H 7 13.56 -2.99 -14.85
C LYS H 7 12.86 -1.96 -15.73
N VAL H 8 12.01 -2.45 -16.62
CA VAL H 8 11.26 -1.61 -17.52
C VAL H 8 9.79 -1.99 -17.35
N GLU H 9 8.92 -0.99 -17.38
CA GLU H 9 7.51 -1.21 -17.17
C GLU H 9 6.84 -1.26 -18.53
N LEU H 10 6.32 -2.43 -18.87
CA LEU H 10 5.68 -2.66 -20.13
C LEU H 10 4.22 -3.02 -19.91
N VAL H 11 3.40 -2.72 -20.92
CA VAL H 11 2.01 -3.14 -20.89
C VAL H 11 1.76 -4.04 -22.09
N GLY H 12 1.51 -5.32 -21.85
CA GLY H 12 1.17 -6.27 -22.90
C GLY H 12 -0.33 -6.36 -23.05
N THR H 13 -0.81 -6.40 -24.29
CA THR H 13 -2.23 -6.52 -24.56
C THR H 13 -2.56 -7.74 -25.39
N SER H 14 -3.78 -8.24 -25.23
CA SER H 14 -4.31 -9.33 -26.02
C SER H 14 -5.82 -9.39 -25.88
N GLU H 15 -6.49 -9.74 -26.97
CA GLU H 15 -7.92 -9.95 -26.96
C GLU H 15 -8.27 -11.36 -26.52
N GLU H 16 -7.27 -12.20 -26.30
CA GLU H 16 -7.49 -13.63 -26.04
C GLU H 16 -7.48 -13.95 -24.54
N GLY H 17 -6.49 -13.46 -23.81
CA GLY H 17 -6.36 -13.82 -22.41
C GLY H 17 -5.20 -13.17 -21.68
N LEU H 18 -5.07 -13.49 -20.41
CA LEU H 18 -4.06 -12.89 -19.55
C LEU H 18 -2.65 -13.33 -19.91
N GLU H 19 -2.47 -14.63 -20.11
CA GLU H 19 -1.20 -15.21 -20.51
C GLU H 19 -0.76 -14.62 -21.85
N ALA H 20 -1.68 -14.51 -22.79
CA ALA H 20 -1.36 -13.95 -24.11
C ALA H 20 -0.89 -12.50 -24.04
N ALA H 21 -1.48 -11.70 -23.12
CA ALA H 21 -1.08 -10.31 -22.94
C ALA H 21 0.35 -10.24 -22.36
N ILE H 22 0.64 -11.08 -21.39
CA ILE H 22 1.99 -11.17 -20.80
C ILE H 22 3.01 -11.55 -21.89
N GLN H 23 2.69 -12.60 -22.65
CA GLN H 23 3.58 -13.09 -23.72
C GLN H 23 3.82 -12.04 -24.80
N ALA H 24 2.81 -11.23 -25.12
CA ALA H 24 2.96 -10.15 -26.09
C ALA H 24 4.00 -9.13 -25.64
N ALA H 25 3.99 -8.79 -24.36
CA ALA H 25 4.96 -7.87 -23.78
C ALA H 25 6.39 -8.43 -23.90
N LEU H 26 6.55 -9.70 -23.52
CA LEU H 26 7.86 -10.33 -23.50
C LEU H 26 8.36 -10.61 -24.93
N ALA H 27 7.43 -10.87 -25.84
CA ALA H 27 7.79 -11.13 -27.25
C ALA H 27 8.39 -9.88 -27.86
N ARG H 28 7.83 -8.73 -27.51
CA ARG H 28 8.36 -7.46 -27.99
C ARG H 28 9.67 -7.11 -27.30
N ALA H 29 9.76 -7.37 -25.99
CA ALA H 29 10.98 -7.08 -25.23
C ALA H 29 12.17 -7.88 -25.79
N ARG H 30 11.92 -9.14 -26.12
CA ARG H 30 12.90 -10.05 -26.70
C ARG H 30 13.51 -9.58 -28.04
N LYS H 31 12.79 -8.75 -28.79
CA LYS H 31 13.28 -8.27 -30.08
C LYS H 31 14.48 -7.32 -29.96
N THR H 32 14.60 -6.63 -28.83
CA THR H 32 15.65 -5.62 -28.65
C THR H 32 16.46 -5.70 -27.36
N LEU H 33 15.99 -6.46 -26.36
CA LEU H 33 16.69 -6.58 -25.07
C LEU H 33 17.24 -7.99 -24.86
N ARG H 34 18.50 -8.06 -24.42
CA ARG H 34 19.17 -9.31 -24.11
C ARG H 34 19.21 -9.51 -22.60
N HIS H 35 19.33 -10.76 -22.20
CA HIS H 35 19.45 -11.14 -20.80
C HIS H 35 18.21 -10.81 -19.97
N LEU H 36 17.03 -10.90 -20.61
CA LEU H 36 15.75 -10.84 -19.90
C LEU H 36 15.65 -12.01 -18.92
N ASP H 37 15.34 -11.74 -17.66
CA ASP H 37 15.40 -12.75 -16.61
C ASP H 37 14.08 -12.99 -15.89
N PHE H 38 13.45 -11.93 -15.40
CA PHE H 38 12.24 -12.09 -14.59
C PHE H 38 11.19 -11.04 -14.90
N PHE H 39 9.95 -11.33 -14.52
CA PHE H 39 8.87 -10.36 -14.64
C PHE H 39 8.00 -10.34 -13.39
N GLU H 40 7.31 -9.23 -13.19
CA GLU H 40 6.37 -9.07 -12.08
C GLU H 40 5.14 -8.36 -12.62
N VAL H 41 3.96 -8.94 -12.39
CA VAL H 41 2.72 -8.29 -12.76
C VAL H 41 2.37 -7.21 -11.74
N LYS H 42 2.19 -5.98 -12.21
CA LYS H 42 1.85 -4.84 -11.36
C LYS H 42 0.33 -4.66 -11.31
N GLU H 43 -0.32 -4.86 -12.44
CA GLU H 43 -1.73 -4.54 -12.60
C GLU H 43 -2.33 -5.35 -13.73
N ILE H 44 -3.59 -5.75 -13.57
CA ILE H 44 -4.40 -6.28 -14.64
C ILE H 44 -5.56 -5.31 -14.90
N ARG H 45 -5.60 -4.76 -16.10
CA ARG H 45 -6.62 -3.83 -16.54
C ARG H 45 -7.19 -4.34 -17.86
N GLY H 46 -8.09 -3.58 -18.43
CA GLY H 46 -8.63 -3.92 -19.72
C GLY H 46 -9.75 -3.01 -20.15
N THR H 47 -10.22 -3.27 -21.36
CA THR H 47 -11.31 -2.52 -21.95
C THR H 47 -12.50 -3.47 -22.14
N ILE H 48 -13.68 -2.87 -22.25
CA ILE H 48 -14.93 -3.60 -22.37
C ILE H 48 -15.57 -3.27 -23.71
N GLY H 49 -16.13 -4.28 -24.35
CA GLY H 49 -16.86 -4.11 -25.59
C GLY H 49 -18.17 -4.87 -25.59
N GLU H 50 -18.76 -4.99 -26.77
CA GLU H 50 -20.07 -5.63 -26.95
C GLU H 50 -20.14 -7.05 -26.38
N ALA H 51 -19.02 -7.77 -26.44
CA ALA H 51 -18.96 -9.16 -25.97
C ALA H 51 -18.15 -9.33 -24.69
N GLY H 52 -18.12 -8.30 -23.85
CA GLY H 52 -17.40 -8.37 -22.58
C GLY H 52 -16.00 -7.81 -22.75
N VAL H 53 -14.98 -8.54 -22.28
CA VAL H 53 -13.61 -8.05 -22.42
C VAL H 53 -13.30 -7.83 -23.89
N LYS H 54 -12.80 -6.65 -24.22
CA LYS H 54 -12.34 -6.37 -25.56
C LYS H 54 -10.84 -6.66 -25.60
N GLU H 55 -10.11 -6.07 -24.65
CA GLU H 55 -8.68 -6.23 -24.55
C GLU H 55 -8.24 -6.42 -23.11
N TYR H 56 -7.48 -7.48 -22.83
CA TYR H 56 -6.75 -7.61 -21.57
C TYR H 56 -5.46 -6.81 -21.65
N GLN H 57 -5.15 -6.10 -20.58
CA GLN H 57 -3.99 -5.22 -20.54
C GLN H 57 -3.23 -5.49 -19.25
N VAL H 58 -2.09 -6.15 -19.37
CA VAL H 58 -1.31 -6.55 -18.21
C VAL H 58 -0.07 -5.68 -18.07
N VAL H 59 -0.02 -4.93 -16.98
CA VAL H 59 1.10 -4.05 -16.68
C VAL H 59 2.13 -4.87 -15.95
N LEU H 60 3.35 -4.89 -16.49
CA LEU H 60 4.39 -5.83 -16.15
C LEU H 60 5.66 -5.05 -15.85
N GLU H 61 6.40 -5.41 -14.82
CA GLU H 61 7.79 -5.00 -14.69
C GLU H 61 8.64 -6.13 -15.23
N VAL H 62 9.58 -5.80 -16.12
CA VAL H 62 10.46 -6.78 -16.73
C VAL H 62 11.91 -6.45 -16.38
N GLY H 63 12.63 -7.44 -15.86
CA GLY H 63 14.00 -7.25 -15.41
C GLY H 63 14.99 -7.92 -16.35
N PHE H 64 16.03 -7.20 -16.74
CA PHE H 64 17.12 -7.77 -17.54
C PHE H 64 18.49 -7.37 -16.99
N ARG H 65 19.45 -8.28 -17.09
CA ARG H 65 20.81 -8.01 -16.64
C ARG H 65 21.53 -7.09 -17.63
N LEU H 66 22.14 -6.02 -17.10
CA LEU H 66 22.95 -5.11 -17.89
C LEU H 66 24.29 -5.79 -18.16
N GLU H 67 24.64 -5.91 -19.43
CA GLU H 67 25.83 -6.65 -19.82
C GLU H 67 27.07 -5.77 -19.79
N GLU H 68 28.22 -6.40 -19.53
CA GLU H 68 29.53 -5.76 -19.61
C GLU H 68 29.60 -4.48 -18.77
N THR H 69 30.70 -3.99 -18.47
N GLY I 2 -14.06 -18.50 18.57
CA GLY I 2 -14.70 -19.65 17.86
C GLY I 2 -13.67 -20.46 17.08
N LYS I 3 -13.92 -20.64 15.79
CA LYS I 3 -12.93 -21.26 14.93
C LYS I 3 -11.70 -20.36 14.89
N VAL I 4 -10.56 -20.99 14.66
CA VAL I 4 -9.32 -20.29 14.32
C VAL I 4 -8.82 -20.88 13.00
N TYR I 5 -8.41 -19.99 12.10
CA TYR I 5 -7.82 -20.39 10.85
C TYR I 5 -6.36 -20.00 10.85
N LYS I 6 -5.58 -20.75 10.09
CA LYS I 6 -4.18 -20.46 9.82
C LYS I 6 -4.06 -20.18 8.34
N LYS I 7 -3.31 -19.13 8.01
CA LYS I 7 -2.98 -18.84 6.64
C LYS I 7 -1.53 -19.14 6.45
N VAL I 8 -1.21 -19.80 5.35
CA VAL I 8 0.18 -20.05 4.96
C VAL I 8 0.45 -19.51 3.53
N GLU I 9 1.65 -18.96 3.31
CA GLU I 9 2.02 -18.38 2.02
C GLU I 9 2.80 -19.39 1.20
N LEU I 10 2.21 -19.78 0.08
CA LEU I 10 2.80 -20.71 -0.87
C LEU I 10 3.07 -20.05 -2.22
N VAL I 11 4.01 -20.60 -2.98
CA VAL I 11 4.19 -20.18 -4.35
C VAL I 11 4.03 -21.39 -5.22
N GLY I 12 3.05 -21.38 -6.10
CA GLY I 12 2.90 -22.40 -7.13
C GLY I 12 3.57 -21.95 -8.40
N THR I 13 4.19 -22.90 -9.10
CA THR I 13 4.82 -22.59 -10.37
C THR I 13 4.34 -23.53 -11.46
N SER I 14 4.21 -22.99 -12.66
CA SER I 14 3.87 -23.80 -13.81
C SER I 14 4.39 -23.13 -15.08
N GLU I 15 4.81 -23.97 -16.02
CA GLU I 15 5.18 -23.50 -17.36
C GLU I 15 3.95 -23.29 -18.24
N GLU I 16 2.79 -23.76 -17.80
CA GLU I 16 1.59 -23.71 -18.62
C GLU I 16 0.85 -22.40 -18.51
N GLY I 17 0.44 -22.07 -17.29
CA GLY I 17 -0.32 -20.85 -17.07
C GLY I 17 -0.58 -20.53 -15.62
N LEU I 18 -1.39 -19.49 -15.40
CA LEU I 18 -1.65 -18.97 -14.06
C LEU I 18 -2.51 -19.93 -13.24
N GLU I 19 -3.56 -20.44 -13.87
CA GLU I 19 -4.44 -21.40 -13.22
C GLU I 19 -3.64 -22.65 -12.81
N ALA I 20 -2.77 -23.10 -13.71
CA ALA I 20 -1.95 -24.28 -13.46
C ALA I 20 -1.03 -24.07 -12.26
N ALA I 21 -0.45 -22.87 -12.14
CA ALA I 21 0.42 -22.53 -11.01
C ALA I 21 -0.34 -22.53 -9.70
N ILE I 22 -1.53 -21.92 -9.71
CA ILE I 22 -2.38 -21.91 -8.53
C ILE I 22 -2.73 -23.35 -8.10
N GLN I 23 -3.19 -24.15 -9.07
CA GLN I 23 -3.57 -25.54 -8.84
C GLN I 23 -2.40 -26.38 -8.32
N ALA I 24 -1.19 -26.11 -8.79
CA ALA I 24 -0.01 -26.82 -8.26
C ALA I 24 0.19 -26.61 -6.75
N ALA I 25 0.07 -25.36 -6.30
CA ALA I 25 0.23 -25.02 -4.89
C ALA I 25 -0.88 -25.71 -4.10
N LEU I 26 -2.10 -25.63 -4.61
CA LEU I 26 -3.23 -26.23 -3.91
C LEU I 26 -3.16 -27.76 -3.89
N ALA I 27 -2.67 -28.38 -4.97
CA ALA I 27 -2.55 -29.83 -5.00
C ALA I 27 -1.58 -30.30 -3.92
N ARG I 28 -0.46 -29.59 -3.80
CA ARG I 28 0.51 -29.90 -2.76
C ARG I 28 -0.08 -29.71 -1.35
N ALA I 29 -0.80 -28.62 -1.15
CA ALA I 29 -1.36 -28.31 0.17
C ALA I 29 -2.27 -29.44 0.65
N ARG I 30 -3.07 -29.94 -0.29
CA ARG I 30 -4.04 -31.03 -0.11
C ARG I 30 -3.39 -32.35 0.32
N LYS I 31 -2.11 -32.55 -0.03
CA LYS I 31 -1.41 -33.78 0.36
C LYS I 31 -1.16 -33.86 1.86
N THR I 32 -1.04 -32.71 2.54
CA THR I 32 -0.71 -32.72 3.96
C THR I 32 -1.66 -31.91 4.85
N LEU I 33 -2.43 -30.99 4.28
CA LEU I 33 -3.36 -30.20 5.09
C LEU I 33 -4.83 -30.49 4.81
N ARG I 34 -5.62 -30.47 5.89
CA ARG I 34 -7.05 -30.65 5.83
C ARG I 34 -7.79 -29.35 6.15
N HIS I 35 -9.05 -29.28 5.72
CA HIS I 35 -9.94 -28.12 5.91
C HIS I 35 -9.43 -26.86 5.22
N LEU I 36 -8.86 -27.07 4.04
CA LEU I 36 -8.45 -25.96 3.18
C LEU I 36 -9.70 -25.29 2.66
N ASP I 37 -9.80 -23.99 2.90
CA ASP I 37 -11.05 -23.27 2.63
C ASP I 37 -10.98 -22.16 1.55
N PHE I 38 -9.94 -21.33 1.61
CA PHE I 38 -9.87 -20.17 0.73
C PHE I 38 -8.42 -19.82 0.41
N PHE I 39 -8.26 -19.08 -0.69
CA PHE I 39 -6.98 -18.56 -1.10
C PHE I 39 -7.07 -17.12 -1.58
N GLU I 40 -5.93 -16.45 -1.58
CA GLU I 40 -5.83 -15.05 -2.01
C GLU I 40 -4.51 -14.95 -2.75
N VAL I 41 -4.53 -14.50 -4.00
CA VAL I 41 -3.31 -14.26 -4.78
C VAL I 41 -2.66 -12.97 -4.29
N LYS I 42 -1.41 -13.07 -3.87
CA LYS I 42 -0.66 -11.89 -3.42
C LYS I 42 0.17 -11.28 -4.57
N GLU I 43 0.74 -12.13 -5.41
CA GLU I 43 1.47 -11.63 -6.56
C GLU I 43 1.62 -12.67 -7.65
N ILE I 44 1.81 -12.15 -8.87
CA ILE I 44 2.13 -12.94 -10.03
C ILE I 44 3.51 -12.49 -10.52
N ARG I 45 4.45 -13.45 -10.53
CA ARG I 45 5.82 -13.20 -10.97
C ARG I 45 6.17 -14.30 -11.96
N GLY I 46 7.39 -14.26 -12.47
CA GLY I 46 7.83 -15.37 -13.30
C GLY I 46 9.19 -15.16 -13.89
N THR I 47 9.61 -16.16 -14.64
CA THR I 47 10.90 -16.13 -15.31
C THR I 47 10.69 -16.04 -16.81
N ILE I 48 11.74 -15.58 -17.49
CA ILE I 48 11.73 -15.32 -18.92
C ILE I 48 12.78 -16.21 -19.57
N GLY I 49 12.35 -16.93 -20.60
CA GLY I 49 13.23 -17.81 -21.34
C GLY I 49 13.22 -17.51 -22.82
N GLU I 50 13.76 -18.46 -23.56
CA GLU I 50 13.82 -18.46 -25.02
C GLU I 50 12.56 -17.94 -25.73
N ALA I 51 11.40 -18.38 -25.28
CA ALA I 51 10.14 -18.14 -25.98
C ALA I 51 9.16 -17.31 -25.14
N GLY I 52 9.68 -16.35 -24.40
CA GLY I 52 8.83 -15.50 -23.55
C GLY I 52 8.76 -16.03 -22.13
N VAL I 53 7.55 -16.24 -21.60
CA VAL I 53 7.40 -16.77 -20.25
C VAL I 53 8.04 -18.16 -20.19
N LYS I 54 8.90 -18.37 -19.20
CA LYS I 54 9.41 -19.71 -18.92
C LYS I 54 8.53 -20.35 -17.86
N GLU I 55 8.51 -19.74 -16.67
CA GLU I 55 7.73 -20.23 -15.55
C GLU I 55 6.81 -19.13 -14.99
N TYR I 56 5.51 -19.44 -14.86
CA TYR I 56 4.58 -18.59 -14.08
C TYR I 56 4.71 -18.94 -12.61
N GLN I 57 4.80 -17.91 -11.77
CA GLN I 57 4.94 -18.12 -10.34
C GLN I 57 3.90 -17.30 -9.58
N VAL I 58 2.91 -17.99 -9.03
CA VAL I 58 1.83 -17.33 -8.28
C VAL I 58 2.03 -17.48 -6.77
N VAL I 59 2.23 -16.37 -6.10
CA VAL I 59 2.32 -16.31 -4.65
C VAL I 59 0.91 -16.19 -4.08
N LEU I 60 0.58 -17.11 -3.19
CA LEU I 60 -0.79 -17.41 -2.79
C LEU I 60 -0.82 -17.50 -1.27
N GLU I 61 -1.80 -16.89 -0.61
CA GLU I 61 -2.07 -17.19 0.79
CA GLU I 61 -2.10 -17.19 0.78
C GLU I 61 -3.21 -18.20 0.82
N VAL I 62 -3.01 -19.28 1.57
CA VAL I 62 -4.00 -20.37 1.68
C VAL I 62 -4.49 -20.47 3.13
N GLY I 63 -5.80 -20.40 3.31
CA GLY I 63 -6.40 -20.42 4.63
C GLY I 63 -7.05 -21.75 4.94
N PHE I 64 -6.71 -22.31 6.10
CA PHE I 64 -7.33 -23.56 6.54
C PHE I 64 -7.80 -23.49 7.99
N ARG I 65 -8.87 -24.20 8.28
CA ARG I 65 -9.45 -24.21 9.62
C ARG I 65 -8.62 -25.14 10.48
N LEU I 66 -8.20 -24.66 11.63
CA LEU I 66 -7.44 -25.47 12.58
C LEU I 66 -8.33 -26.49 13.27
N GLU I 67 -7.85 -27.72 13.36
CA GLU I 67 -8.61 -28.79 13.98
C GLU I 67 -8.57 -28.71 15.49
N GLU I 68 -9.63 -29.22 16.11
CA GLU I 68 -9.63 -29.77 17.47
C GLU I 68 -11.06 -30.12 17.90
N THR I 69 -11.42 -31.29 17.98
N GLY J 2 -3.90 3.35 29.38
CA GLY J 2 -3.40 4.18 30.50
C GLY J 2 -2.12 4.93 30.15
N LYS J 3 -1.13 4.18 29.66
CA LYS J 3 0.10 4.80 29.16
C LYS J 3 -0.02 5.07 27.67
N VAL J 4 0.71 6.09 27.22
CA VAL J 4 0.59 6.61 25.87
C VAL J 4 2.00 6.86 25.35
N TYR J 5 2.18 6.60 24.06
CA TYR J 5 3.42 6.83 23.40
C TYR J 5 3.21 7.83 22.30
N LYS J 6 4.29 8.52 21.94
CA LYS J 6 4.34 9.42 20.80
C LYS J 6 5.36 8.91 19.78
N LYS J 7 5.01 8.99 18.51
CA LYS J 7 5.94 8.67 17.44
C LYS J 7 6.24 9.95 16.69
N VAL J 8 7.51 10.12 16.39
CA VAL J 8 7.95 11.27 15.62
C VAL J 8 8.74 10.78 14.40
N GLU J 9 8.53 11.43 13.26
CA GLU J 9 9.19 11.05 12.04
C GLU J 9 10.43 11.90 11.86
N LEU J 10 11.59 11.25 11.83
CA LEU J 10 12.91 11.88 11.69
C LEU J 10 13.62 11.33 10.45
N VAL J 11 14.54 12.11 9.89
CA VAL J 11 15.39 11.62 8.81
C VAL J 11 16.84 11.78 9.29
N GLY J 12 17.51 10.65 9.45
CA GLY J 12 18.95 10.64 9.74
C GLY J 12 19.69 10.60 8.43
N THR J 13 20.76 11.37 8.31
CA THR J 13 21.58 11.33 7.11
C THR J 13 23.02 11.04 7.50
N SER J 14 23.75 10.41 6.58
CA SER J 14 25.16 10.13 6.76
C SER J 14 25.81 9.71 5.45
N GLU J 15 27.06 10.13 5.26
CA GLU J 15 27.82 9.73 4.09
C GLU J 15 28.50 8.37 4.25
N GLU J 16 28.49 7.82 5.46
CA GLU J 16 29.20 6.58 5.74
C GLU J 16 28.39 5.37 5.29
N GLY J 17 27.16 5.28 5.78
CA GLY J 17 26.30 4.15 5.46
C GLY J 17 24.93 4.24 6.10
N LEU J 18 24.19 3.14 6.01
CA LEU J 18 22.81 3.09 6.48
C LEU J 18 22.70 3.14 7.99
N GLU J 19 23.48 2.32 8.68
CA GLU J 19 23.47 2.30 10.14
C GLU J 19 23.86 3.65 10.73
N ALA J 20 24.86 4.31 10.13
CA ALA J 20 25.31 5.62 10.57
C ALA J 20 24.19 6.66 10.46
N ALA J 21 23.41 6.58 9.39
CA ALA J 21 22.25 7.47 9.20
C ALA J 21 21.20 7.28 10.30
N ILE J 22 20.89 6.02 10.60
CA ILE J 22 19.94 5.69 11.67
C ILE J 22 20.45 6.20 13.03
N GLN J 23 21.71 5.90 13.33
CA GLN J 23 22.34 6.33 14.59
C GLN J 23 22.38 7.85 14.72
N ALA J 24 22.58 8.56 13.61
CA ALA J 24 22.56 10.02 13.61
C ALA J 24 21.20 10.57 14.09
N ALA J 25 20.12 10.02 13.56
CA ALA J 25 18.78 10.42 14.00
C ALA J 25 18.52 10.10 15.47
N LEU J 26 18.93 8.90 15.90
CA LEU J 26 18.70 8.49 17.29
C LEU J 26 19.58 9.26 18.27
N ALA J 27 20.79 9.61 17.85
CA ALA J 27 21.71 10.37 18.71
C ALA J 27 21.14 11.74 18.99
N ARG J 28 20.59 12.37 17.97
CA ARG J 28 19.93 13.66 18.13
C ARG J 28 18.67 13.53 19.00
N ALA J 29 17.83 12.53 18.74
CA ALA J 29 16.62 12.34 19.53
C ALA J 29 16.94 12.19 21.03
N ARG J 30 18.03 11.50 21.32
CA ARG J 30 18.50 11.26 22.67
C ARG J 30 18.91 12.54 23.43
N LYS J 31 19.22 13.62 22.70
CA LYS J 31 19.63 14.88 23.32
C LYS J 31 18.49 15.64 23.97
N THR J 32 17.27 15.45 23.50
CA THR J 32 16.13 16.19 24.05
C THR J 32 14.94 15.34 24.46
N LEU J 33 14.89 14.07 24.03
CA LEU J 33 13.77 13.19 24.37
C LEU J 33 14.18 12.02 25.26
N ARG J 34 13.31 11.70 26.19
CA ARG J 34 13.48 10.62 27.15
C ARG J 34 12.52 9.48 26.84
N HIS J 35 12.87 8.30 27.34
CA HIS J 35 12.07 7.09 27.22
C HIS J 35 11.90 6.67 25.76
N LEU J 36 12.95 6.85 24.98
CA LEU J 36 12.98 6.36 23.60
C LEU J 36 13.01 4.84 23.60
N ASP J 37 12.09 4.22 22.87
CA ASP J 37 11.88 2.78 22.97
C ASP J 37 12.11 2.02 21.67
N PHE J 38 11.52 2.47 20.56
CA PHE J 38 11.56 1.70 19.33
C PHE J 38 11.60 2.61 18.13
N PHE J 39 12.03 2.05 17.01
CA PHE J 39 12.04 2.78 15.73
C PHE J 39 11.56 1.85 14.61
N GLU J 40 11.14 2.49 13.52
CA GLU J 40 10.64 1.78 12.35
C GLU J 40 11.13 2.55 11.15
N VAL J 41 11.88 1.91 10.26
CA VAL J 41 12.39 2.53 9.03
C VAL J 41 11.25 2.59 8.01
N LYS J 42 10.97 3.81 7.54
CA LYS J 42 9.90 4.03 6.59
C LYS J 42 10.41 4.04 5.16
N GLU J 43 11.57 4.66 4.95
CA GLU J 43 12.23 4.59 3.65
C GLU J 43 13.71 4.92 3.70
N ILE J 44 14.39 4.46 2.67
CA ILE J 44 15.80 4.75 2.48
C ILE J 44 15.91 5.50 1.17
N ARG J 45 16.47 6.70 1.24
CA ARG J 45 16.67 7.56 0.07
C ARG J 45 18.12 8.05 0.12
N GLY J 46 18.49 8.90 -0.82
CA GLY J 46 19.81 9.51 -0.76
C GLY J 46 20.13 10.33 -1.97
N THR J 47 21.34 10.89 -1.97
CA THR J 47 21.81 11.74 -3.04
C THR J 47 22.95 11.02 -3.75
N ILE J 48 23.25 11.47 -4.96
CA ILE J 48 24.28 10.85 -5.79
C ILE J 48 25.38 11.88 -6.05
N GLY J 49 26.62 11.44 -5.91
CA GLY J 49 27.75 12.32 -6.12
C GLY J 49 28.81 11.64 -6.95
N GLU J 50 30.00 12.25 -6.92
CA GLU J 50 31.20 11.82 -7.62
C GLU J 50 31.43 10.31 -7.68
N ALA J 51 31.35 9.67 -6.51
CA ALA J 51 31.70 8.26 -6.36
C ALA J 51 30.49 7.42 -5.93
N GLY J 52 29.35 7.64 -6.59
CA GLY J 52 28.14 6.87 -6.29
C GLY J 52 27.29 7.55 -5.25
N VAL J 53 27.06 6.88 -4.12
CA VAL J 53 26.27 7.48 -3.05
C VAL J 53 27.03 8.68 -2.47
N LYS J 54 26.36 9.82 -2.39
CA LYS J 54 26.90 10.94 -1.65
C LYS J 54 26.43 10.85 -0.21
N GLU J 55 25.12 10.88 -0.03
CA GLU J 55 24.52 10.84 1.29
C GLU J 55 23.40 9.77 1.39
N TYR J 56 23.46 8.90 2.40
CA TYR J 56 22.36 8.02 2.75
C TYR J 56 21.37 8.78 3.62
N GLN J 57 20.08 8.65 3.31
CA GLN J 57 19.04 9.32 4.08
C GLN J 57 17.98 8.30 4.49
N VAL J 58 17.94 8.01 5.78
CA VAL J 58 16.96 7.05 6.33
C VAL J 58 15.84 7.78 7.06
N VAL J 59 14.63 7.60 6.53
CA VAL J 59 13.41 8.14 7.13
C VAL J 59 12.91 7.11 8.14
N LEU J 60 12.72 7.58 9.37
CA LEU J 60 12.58 6.74 10.56
C LEU J 60 11.43 7.26 11.43
N GLU J 61 10.54 6.39 11.91
CA GLU J 61 9.65 6.76 13.01
C GLU J 61 10.24 6.29 14.33
N VAL J 62 10.22 7.20 15.29
CA VAL J 62 10.82 6.97 16.59
C VAL J 62 9.73 7.08 17.64
N GLY J 63 9.54 6.04 18.42
CA GLY J 63 8.49 5.99 19.44
C GLY J 63 9.05 6.10 20.83
N PHE J 64 8.42 6.94 21.66
CA PHE J 64 8.87 7.16 23.02
C PHE J 64 7.69 7.25 23.96
N ARG J 65 7.87 6.80 25.19
CA ARG J 65 6.79 6.85 26.17
C ARG J 65 6.62 8.27 26.69
N LEU J 66 5.38 8.74 26.71
CA LEU J 66 5.05 10.05 27.28
C LEU J 66 5.09 9.98 28.81
N GLU J 67 5.69 10.99 29.43
CA GLU J 67 5.80 11.02 30.88
C GLU J 67 4.48 11.46 31.47
N GLU J 68 4.03 10.77 32.51
CA GLU J 68 2.75 11.07 33.17
C GLU J 68 1.57 11.08 32.18
N THR J 69 0.41 10.88 32.57
N GLY K 2 3.79 -27.90 -11.06
CA GLY K 2 5.28 -27.65 -11.03
C GLY K 2 5.80 -27.57 -9.61
N LYS K 3 6.88 -26.81 -9.42
CA LYS K 3 7.50 -26.68 -8.11
CA LYS K 3 7.51 -26.67 -8.12
C LYS K 3 6.58 -25.91 -7.18
N VAL K 4 6.72 -26.13 -5.89
CA VAL K 4 5.99 -25.37 -4.87
C VAL K 4 7.00 -24.94 -3.81
N TYR K 5 6.93 -23.66 -3.46
CA TYR K 5 7.73 -23.07 -2.39
C TYR K 5 6.82 -22.71 -1.24
N LYS K 6 7.39 -22.75 -0.03
CA LYS K 6 6.74 -22.20 1.15
C LYS K 6 7.53 -20.97 1.55
N LYS K 7 6.82 -19.90 1.93
CA LYS K 7 7.44 -18.73 2.54
C LYS K 7 7.07 -18.68 4.02
N VAL K 8 8.06 -18.36 4.84
CA VAL K 8 7.85 -18.10 6.26
C VAL K 8 8.40 -16.73 6.61
N GLU K 9 7.74 -16.09 7.56
CA GLU K 9 8.12 -14.76 8.01
C GLU K 9 8.92 -14.88 9.30
N LEU K 10 10.18 -14.46 9.25
CA LEU K 10 11.06 -14.48 10.41
C LEU K 10 11.51 -13.07 10.77
N VAL K 11 11.94 -12.88 12.01
CA VAL K 11 12.58 -11.64 12.40
C VAL K 11 13.97 -11.96 12.95
N GLY K 12 14.98 -11.53 12.19
CA GLY K 12 16.38 -11.63 12.62
C GLY K 12 16.78 -10.39 13.40
N THR K 13 17.52 -10.60 14.49
CA THR K 13 17.94 -9.50 15.34
C THR K 13 19.46 -9.51 15.55
N SER K 14 20.00 -8.32 15.75
CA SER K 14 21.42 -8.13 15.98
C SER K 14 21.68 -6.76 16.55
N GLU K 15 22.64 -6.67 17.47
CA GLU K 15 23.05 -5.39 18.01
C GLU K 15 24.10 -4.75 17.10
N GLU K 16 24.62 -5.49 16.12
CA GLU K 16 25.74 -5.02 15.30
C GLU K 16 25.26 -4.22 14.08
N GLY K 17 24.29 -4.74 13.35
CA GLY K 17 23.83 -4.09 12.13
C GLY K 17 22.73 -4.82 11.39
N LEU K 18 22.40 -4.29 10.21
CA LEU K 18 21.30 -4.79 9.39
C LEU K 18 21.64 -6.15 8.77
N GLU K 19 22.78 -6.21 8.10
CA GLU K 19 23.29 -7.46 7.52
C GLU K 19 23.34 -8.57 8.57
N ALA K 20 23.85 -8.25 9.75
CA ALA K 20 23.96 -9.22 10.84
C ALA K 20 22.59 -9.74 11.29
N ALA K 21 21.59 -8.85 11.35
CA ALA K 21 20.22 -9.26 11.71
C ALA K 21 19.62 -10.19 10.64
N ILE K 22 19.79 -9.83 9.37
CA ILE K 22 19.37 -10.72 8.27
C ILE K 22 20.06 -12.07 8.38
N GLN K 23 21.38 -12.06 8.59
CA GLN K 23 22.15 -13.29 8.68
C GLN K 23 21.73 -14.19 9.85
N ALA K 24 21.34 -13.57 10.96
CA ALA K 24 20.83 -14.28 12.13
C ALA K 24 19.59 -15.09 11.78
N ALA K 25 18.65 -14.49 11.05
CA ALA K 25 17.46 -15.20 10.62
C ALA K 25 17.78 -16.38 9.68
N LEU K 26 18.62 -16.15 8.68
CA LEU K 26 18.97 -17.17 7.68
C LEU K 26 19.79 -18.30 8.29
N ALA K 27 20.62 -17.98 9.29
CA ALA K 27 21.42 -18.98 10.00
C ALA K 27 20.54 -19.91 10.81
N ARG K 28 19.55 -19.34 11.51
CA ARG K 28 18.60 -20.16 12.24
C ARG K 28 17.76 -20.97 11.25
N ALA K 29 17.40 -20.35 10.11
CA ALA K 29 16.56 -21.01 9.12
C ALA K 29 17.23 -22.30 8.62
N ARG K 30 18.52 -22.23 8.32
CA ARG K 30 19.25 -23.38 7.76
C ARG K 30 19.51 -24.52 8.76
N LYS K 31 19.31 -24.29 10.06
CA LYS K 31 19.40 -25.37 11.06
C LYS K 31 18.31 -26.44 10.90
N THR K 32 17.15 -26.05 10.38
CA THR K 32 16.03 -26.99 10.26
C THR K 32 15.37 -27.02 8.86
N LEU K 33 15.62 -26.01 8.03
CA LEU K 33 15.03 -25.96 6.69
C LEU K 33 16.05 -26.21 5.58
N ARG K 34 15.60 -26.89 4.54
CA ARG K 34 16.42 -27.23 3.39
C ARG K 34 15.88 -26.55 2.14
N HIS K 35 16.78 -26.34 1.18
CA HIS K 35 16.45 -25.73 -0.11
C HIS K 35 15.93 -24.30 0.06
N LEU K 36 16.59 -23.55 0.95
CA LEU K 36 16.35 -22.12 1.13
C LEU K 36 16.88 -21.39 -0.08
N ASP K 37 16.03 -20.56 -0.71
CA ASP K 37 16.35 -19.97 -2.02
C ASP K 37 16.43 -18.45 -2.04
N PHE K 38 15.39 -17.80 -1.54
CA PHE K 38 15.30 -16.35 -1.62
C PHE K 38 14.75 -15.74 -0.34
N PHE K 39 15.07 -14.48 -0.11
CA PHE K 39 14.43 -13.72 0.94
C PHE K 39 13.99 -12.34 0.44
N GLU K 40 13.12 -11.73 1.23
CA GLU K 40 12.56 -10.43 0.92
C GLU K 40 12.43 -9.70 2.25
N VAL K 41 13.03 -8.53 2.37
CA VAL K 41 12.89 -7.75 3.59
C VAL K 41 11.53 -7.05 3.56
N LYS K 42 10.75 -7.27 4.61
CA LYS K 42 9.43 -6.65 4.74
C LYS K 42 9.54 -5.34 5.50
N GLU K 43 10.32 -5.33 6.56
CA GLU K 43 10.54 -4.12 7.35
CA GLU K 43 10.56 -4.10 7.32
C GLU K 43 11.82 -4.17 8.17
N ILE K 44 12.28 -2.99 8.57
CA ILE K 44 13.43 -2.81 9.42
C ILE K 44 12.90 -2.01 10.59
N ARG K 45 12.95 -2.63 11.77
CA ARG K 45 12.52 -2.02 13.02
C ARG K 45 13.66 -2.16 14.02
N GLY K 46 13.42 -1.74 15.25
CA GLY K 46 14.39 -1.99 16.30
C GLY K 46 14.11 -1.23 17.56
N THR K 47 15.01 -1.41 18.52
CA THR K 47 14.91 -0.81 19.82
C THR K 47 16.01 0.21 20.03
N ILE K 48 15.80 1.08 21.00
CA ILE K 48 16.65 2.23 21.24
C ILE K 48 17.17 2.18 22.67
N GLY K 49 18.45 2.48 22.84
CA GLY K 49 19.09 2.51 24.15
C GLY K 49 19.99 3.72 24.36
N GLU K 50 20.81 3.65 25.40
CA GLU K 50 21.79 4.70 25.73
C GLU K 50 22.69 5.05 24.57
N ALA K 51 23.11 4.04 23.82
CA ALA K 51 24.08 4.23 22.75
C ALA K 51 23.46 4.39 21.36
N GLY K 52 22.15 4.64 21.31
CA GLY K 52 21.43 4.72 20.02
C GLY K 52 20.70 3.41 19.75
N VAL K 53 20.90 2.84 18.57
CA VAL K 53 20.28 1.55 18.25
C VAL K 53 20.72 0.50 19.28
N LYS K 54 19.74 -0.10 19.93
CA LYS K 54 20.01 -1.17 20.87
C LYS K 54 20.05 -2.45 20.07
N GLU K 55 18.94 -2.76 19.41
CA GLU K 55 18.85 -3.96 18.61
C GLU K 55 18.19 -3.63 17.25
N TYR K 56 18.82 -4.08 16.17
CA TYR K 56 18.21 -4.07 14.85
C TYR K 56 17.32 -5.29 14.71
N GLN K 57 16.14 -5.10 14.13
CA GLN K 57 15.17 -6.18 13.99
C GLN K 57 14.66 -6.14 12.55
N VAL K 58 15.07 -7.11 11.73
CA VAL K 58 14.71 -7.13 10.32
C VAL K 58 13.68 -8.23 10.10
N VAL K 59 12.50 -7.81 9.64
CA VAL K 59 11.43 -8.72 9.33
C VAL K 59 11.62 -9.15 7.89
N LEU K 60 11.70 -10.46 7.72
CA LEU K 60 12.19 -11.09 6.52
C LEU K 60 11.16 -12.14 6.09
N GLU K 61 10.89 -12.25 4.79
CA GLU K 61 10.18 -13.41 4.26
C GLU K 61 11.23 -14.32 3.66
N VAL K 62 11.18 -15.60 3.98
CA VAL K 62 12.16 -16.57 3.49
C VAL K 62 11.45 -17.65 2.70
N GLY K 63 11.87 -17.87 1.46
CA GLY K 63 11.27 -18.88 0.59
C GLY K 63 12.14 -20.10 0.40
N PHE K 64 11.56 -21.28 0.59
CA PHE K 64 12.25 -22.55 0.35
C PHE K 64 11.42 -23.49 -0.48
N ARG K 65 12.08 -24.25 -1.35
CA ARG K 65 11.43 -25.21 -2.22
C ARG K 65 10.99 -26.43 -1.44
N LEU K 66 9.73 -26.83 -1.62
CA LEU K 66 9.23 -28.00 -0.95
C LEU K 66 9.77 -29.24 -1.64
N GLU K 67 10.37 -30.15 -0.87
CA GLU K 67 10.90 -31.35 -1.49
C GLU K 67 9.75 -32.29 -1.86
N GLU K 68 9.96 -33.02 -2.95
CA GLU K 68 8.96 -33.93 -3.49
C GLU K 68 9.22 -35.39 -3.10
N THR K 69 10.41 -35.67 -2.55
CA THR K 69 10.74 -37.00 -2.06
C THR K 69 11.51 -36.89 -0.75
N GLY L 2 9.04 23.59 -16.10
CA GLY L 2 10.42 23.91 -15.63
C GLY L 2 11.38 22.80 -16.01
N LYS L 3 12.19 22.37 -15.04
CA LYS L 3 13.10 21.25 -15.24
C LYS L 3 12.27 19.97 -15.35
N VAL L 4 12.82 18.97 -16.03
CA VAL L 4 12.22 17.64 -16.07
C VAL L 4 13.25 16.59 -15.69
N TYR L 5 12.84 15.63 -14.86
CA TYR L 5 13.71 14.55 -14.41
C TYR L 5 13.13 13.24 -14.90
N LYS L 6 14.02 12.28 -15.16
CA LYS L 6 13.58 10.92 -15.39
C LYS L 6 14.05 10.04 -14.27
N LYS L 7 13.19 9.10 -13.85
CA LYS L 7 13.58 8.05 -12.91
C LYS L 7 13.65 6.70 -13.60
N VAL L 8 14.71 5.96 -13.33
CA VAL L 8 14.89 4.60 -13.84
C VAL L 8 15.04 3.63 -12.66
N GLU L 9 14.46 2.44 -12.81
CA GLU L 9 14.50 1.41 -11.77
C GLU L 9 15.66 0.44 -12.05
N LEU L 10 16.61 0.40 -11.14
CA LEU L 10 17.74 -0.49 -11.27
C LEU L 10 17.78 -1.46 -10.10
N VAL L 11 18.49 -2.57 -10.27
CA VAL L 11 18.76 -3.49 -9.17
C VAL L 11 20.26 -3.68 -9.02
N GLY L 12 20.81 -3.21 -7.92
CA GLY L 12 22.21 -3.41 -7.61
C GLY L 12 22.36 -4.66 -6.79
N THR L 13 23.38 -5.46 -7.09
CA THR L 13 23.63 -6.69 -6.35
C THR L 13 25.06 -6.72 -5.82
N SER L 14 25.27 -7.49 -4.76
CA SER L 14 26.58 -7.64 -4.14
C SER L 14 26.52 -8.77 -3.13
N GLU L 15 27.65 -9.45 -2.93
CA GLU L 15 27.75 -10.47 -1.89
C GLU L 15 28.23 -9.91 -0.56
N GLU L 16 28.63 -8.64 -0.57
CA GLU L 16 29.30 -8.05 0.59
C GLU L 16 28.29 -7.42 1.55
N GLY L 17 27.30 -6.72 1.01
CA GLY L 17 26.36 -6.00 1.85
C GLY L 17 25.39 -5.13 1.08
N LEU L 18 24.55 -4.41 1.84
CA LEU L 18 23.52 -3.56 1.28
C LEU L 18 24.09 -2.30 0.64
N GLU L 19 25.03 -1.65 1.31
CA GLU L 19 25.69 -0.47 0.76
C GLU L 19 26.38 -0.80 -0.57
N ALA L 20 27.10 -1.92 -0.60
CA ALA L 20 27.81 -2.34 -1.81
C ALA L 20 26.85 -2.56 -2.98
N ALA L 21 25.68 -3.13 -2.68
CA ALA L 21 24.62 -3.33 -3.67
C ALA L 21 24.14 -1.99 -4.26
N ILE L 22 23.86 -1.03 -3.40
CA ILE L 22 23.44 0.30 -3.84
C ILE L 22 24.54 0.93 -4.71
N GLN L 23 25.78 0.83 -4.27
CA GLN L 23 26.91 1.41 -5.00
C GLN L 23 27.12 0.77 -6.37
N ALA L 24 26.86 -0.52 -6.48
CA ALA L 24 26.99 -1.21 -7.77
C ALA L 24 26.01 -0.64 -8.82
N ALA L 25 24.78 -0.37 -8.43
CA ALA L 25 23.79 0.19 -9.35
C ALA L 25 24.19 1.61 -9.75
N LEU L 26 24.65 2.41 -8.79
CA LEU L 26 24.99 3.79 -9.05
C LEU L 26 26.28 3.91 -9.87
N ALA L 27 27.25 3.03 -9.59
CA ALA L 27 28.48 2.95 -10.37
C ALA L 27 28.20 2.64 -11.84
N ARG L 28 27.26 1.74 -12.11
CA ARG L 28 26.87 1.43 -13.47
C ARG L 28 26.11 2.60 -14.09
N ALA L 29 25.22 3.21 -13.31
CA ALA L 29 24.45 4.37 -13.77
C ALA L 29 25.35 5.53 -14.23
N ARG L 30 26.42 5.81 -13.48
CA ARG L 30 27.31 6.92 -13.84
C ARG L 30 28.16 6.68 -15.08
N LYS L 31 28.30 5.42 -15.49
CA LYS L 31 29.00 5.09 -16.73
C LYS L 31 28.27 5.55 -17.99
N THR L 32 26.99 5.94 -17.86
CA THR L 32 26.21 6.39 -19.01
C THR L 32 25.28 7.59 -18.76
N LEU L 33 24.88 7.84 -17.51
CA LEU L 33 23.90 8.89 -17.22
C LEU L 33 24.53 10.11 -16.57
N ARG L 34 24.19 11.27 -17.09
CA ARG L 34 24.67 12.54 -16.57
C ARG L 34 23.60 13.18 -15.71
N HIS L 35 24.04 13.96 -14.72
CA HIS L 35 23.15 14.72 -13.84
C HIS L 35 22.31 13.81 -12.94
N LEU L 36 22.89 12.69 -12.52
CA LEU L 36 22.28 11.82 -11.50
C LEU L 36 22.19 12.61 -10.19
N ASP L 37 21.00 12.62 -9.58
CA ASP L 37 20.74 13.47 -8.41
C ASP L 37 20.34 12.70 -7.13
N PHE L 38 19.44 11.73 -7.26
CA PHE L 38 18.91 11.08 -6.07
C PHE L 38 18.49 9.66 -6.34
N PHE L 39 18.31 8.89 -5.26
CA PHE L 39 17.82 7.53 -5.39
C PHE L 39 16.85 7.24 -4.27
N GLU L 40 16.03 6.22 -4.50
CA GLU L 40 14.99 5.79 -3.57
C GLU L 40 15.05 4.26 -3.59
N VAL L 41 15.31 3.66 -2.43
CA VAL L 41 15.23 2.23 -2.29
C VAL L 41 13.76 1.78 -2.28
N LYS L 42 13.44 0.84 -3.17
CA LYS L 42 12.09 0.28 -3.28
C LYS L 42 11.93 -1.04 -2.56
N GLU L 43 12.96 -1.88 -2.62
CA GLU L 43 12.97 -3.07 -1.80
C GLU L 43 14.33 -3.70 -1.68
N ILE L 44 14.44 -4.55 -0.66
CA ILE L 44 15.63 -5.32 -0.40
C ILE L 44 15.23 -6.78 -0.47
N ARG L 45 15.89 -7.49 -1.39
CA ARG L 45 15.69 -8.91 -1.60
C ARG L 45 17.07 -9.57 -1.70
N GLY L 46 17.09 -10.88 -1.85
CA GLY L 46 18.34 -11.57 -2.14
C GLY L 46 18.22 -13.07 -2.19
N THR L 47 19.36 -13.73 -2.32
CA THR L 47 19.42 -15.17 -2.44
C THR L 47 20.10 -15.76 -1.22
N ILE L 48 19.79 -17.02 -0.96
CA ILE L 48 20.28 -17.74 0.21
C ILE L 48 21.21 -18.87 -0.24
N GLY L 49 22.36 -18.99 0.42
CA GLY L 49 23.30 -20.08 0.16
C GLY L 49 23.70 -20.78 1.44
N GLU L 50 24.76 -21.58 1.33
CA GLU L 50 25.31 -22.33 2.47
C GLU L 50 25.73 -21.41 3.62
N ALA L 51 26.26 -20.24 3.28
CA ALA L 51 26.81 -19.29 4.24
C ALA L 51 25.78 -18.28 4.76
N GLY L 52 24.51 -18.44 4.41
CA GLY L 52 23.49 -17.43 4.71
C GLY L 52 23.17 -16.66 3.46
N VAL L 53 23.29 -15.33 3.50
CA VAL L 53 23.04 -14.53 2.32
C VAL L 53 24.09 -14.89 1.27
N LYS L 54 23.63 -15.20 0.06
CA LYS L 54 24.51 -15.37 -1.10
C LYS L 54 24.75 -13.98 -1.69
N GLU L 55 23.70 -13.36 -2.21
CA GLU L 55 23.81 -11.96 -2.59
C GLU L 55 22.63 -11.10 -2.18
N TYR L 56 22.94 -9.86 -1.81
CA TYR L 56 21.95 -8.85 -1.52
C TYR L 56 21.56 -8.21 -2.83
N GLN L 57 20.26 -7.95 -3.01
CA GLN L 57 19.76 -7.33 -4.23
C GLN L 57 18.89 -6.17 -3.84
N VAL L 58 19.29 -4.95 -4.19
CA VAL L 58 18.58 -3.75 -3.77
C VAL L 58 17.97 -3.09 -4.98
N VAL L 59 16.64 -3.00 -4.97
CA VAL L 59 15.88 -2.43 -6.05
C VAL L 59 15.77 -0.95 -5.73
N LEU L 60 16.28 -0.13 -6.66
CA LEU L 60 16.46 1.30 -6.49
C LEU L 60 15.76 2.05 -7.61
N GLU L 61 15.12 3.18 -7.32
CA GLU L 61 14.78 4.16 -8.36
C GLU L 61 15.83 5.26 -8.33
N VAL L 62 16.32 5.63 -9.52
CA VAL L 62 17.40 6.60 -9.66
C VAL L 62 16.94 7.79 -10.50
N GLY L 63 16.97 8.99 -9.92
CA GLY L 63 16.52 10.20 -10.61
C GLY L 63 17.69 10.99 -11.19
N PHE L 64 17.53 11.43 -12.43
CA PHE L 64 18.49 12.33 -13.07
C PHE L 64 17.77 13.42 -13.86
N ARG L 65 18.39 14.60 -13.97
CA ARG L 65 17.79 15.70 -14.72
C ARG L 65 17.94 15.49 -16.23
N LEU L 66 16.84 15.69 -16.95
CA LEU L 66 16.83 15.57 -18.41
C LEU L 66 17.36 16.84 -19.06
N GLU L 67 18.46 16.71 -19.80
CA GLU L 67 19.03 17.82 -20.54
C GLU L 67 18.40 17.92 -21.92
N1 FMN M . -7.16 6.25 -21.39
C2 FMN M . -7.67 7.26 -20.59
O2 FMN M . -8.45 8.08 -21.08
N3 FMN M . -7.35 7.34 -19.25
C4 FMN M . -6.51 6.41 -18.69
O4 FMN M . -5.98 6.69 -17.61
C4A FMN M . -5.98 5.38 -19.48
N5 FMN M . -5.14 4.43 -18.91
C5A FMN M . -4.63 3.42 -19.71
C6 FMN M . -3.79 2.49 -19.13
C7 FMN M . -3.24 1.45 -19.88
C7M FMN M . -2.62 0.26 -19.21
C8 FMN M . -3.55 1.37 -21.25
C8M FMN M . -2.87 0.33 -22.09
C9 FMN M . -4.41 2.30 -21.84
C9A FMN M . -4.95 3.34 -21.08
N10 FMN M . -5.80 4.30 -21.62
C10 FMN M . -6.32 5.31 -20.83
C1' FMN M . -6.16 4.32 -23.09
C2' FMN M . -5.00 4.94 -23.86
O2' FMN M . -4.87 6.31 -23.54
C3' FMN M . -5.19 4.84 -25.36
O3' FMN M . -6.33 5.58 -25.74
C4' FMN M . -5.34 3.40 -25.82
O4' FMN M . -4.33 2.56 -25.27
C5' FMN M . -5.22 3.33 -27.33
O5' FMN M . -3.93 3.81 -27.60
P FMN M . -3.29 3.59 -29.05
O1P FMN M . -4.27 4.12 -30.06
O2P FMN M . -3.07 2.11 -29.20
O3P FMN M . -1.97 4.32 -29.16
N1A COA N . 7.94 3.39 -30.37
C2A COA N . 9.26 3.03 -30.56
N3A COA N . 10.24 3.99 -30.54
C4A COA N . 9.92 5.28 -30.34
C5A COA N . 8.60 5.66 -30.15
C6A COA N . 7.60 4.70 -30.16
N6A COA N . 6.34 5.01 -29.82
N7A COA N . 8.59 6.99 -29.97
C8A COA N . 9.85 7.46 -30.05
N9A COA N . 10.69 6.41 -30.29
C1B COA N . 12.15 6.41 -30.37
C2B COA N . 12.71 7.55 -31.22
O2B COA N . 12.68 7.25 -32.60
C3B COA N . 14.11 7.64 -30.67
O3B COA N . 14.92 6.63 -31.22
P3B COA N . 15.91 6.82 -32.48
O7A COA N . 16.51 5.47 -32.77
O8A COA N . 15.16 7.30 -33.71
O9A COA N . 16.96 7.84 -32.11
C4B COA N . 13.91 7.35 -29.18
O4B COA N . 12.75 6.56 -29.10
C5B COA N . 13.72 8.60 -28.33
O5B COA N . 14.96 9.28 -28.18
P1A COA N . 15.97 8.96 -26.98
O1A COA N . 17.32 8.60 -27.58
O2A COA N . 15.46 7.85 -26.10
O3A COA N . 16.12 10.34 -26.18
P2A COA N . 15.11 10.80 -25.03
O4A COA N . 15.31 12.27 -24.83
O5A COA N . 13.67 10.47 -25.34
O6A COA N . 15.67 10.03 -23.73
CBP COA N . 17.25 9.29 -22.10
CCP COA N . 17.03 10.09 -23.38
CDP COA N . 18.62 9.64 -21.50
CEP COA N . 16.16 9.73 -21.12
CAP COA N . 17.27 7.79 -22.40
OAP COA N . 16.49 7.47 -23.53
C9P COA N . 16.87 6.89 -21.25
O9P COA N . 16.36 7.37 -20.02
N8P COA N . 17.04 5.61 -21.47
C7P COA N . 17.35 4.69 -20.39
C6P COA N . 18.67 5.03 -19.71
C5P COA N . 19.01 4.00 -18.66
O5P COA N . 18.17 3.62 -17.83
N4P COA N . 20.27 3.57 -18.68
C3P COA N . 20.75 2.52 -17.81
C2P COA N . 21.61 3.17 -16.72
S1P COA N . 22.28 1.96 -15.57
N1 FMN O . -8.66 2.65 -21.48
C2 FMN O . -7.94 1.49 -21.60
O2 FMN O . -7.80 0.98 -22.70
N3 FMN O . -7.40 0.87 -20.49
C4 FMN O . -7.54 1.44 -19.25
O4 FMN O . -7.15 0.78 -18.29
C4A FMN O . -8.26 2.64 -19.09
N5 FMN O . -8.44 3.23 -17.86
C5A FMN O . -9.16 4.41 -17.76
C6 FMN O . -9.32 5.01 -16.51
C7 FMN O . -10.05 6.20 -16.39
C7M FMN O . -10.01 6.96 -15.10
C8 FMN O . -10.62 6.77 -17.53
C8M FMN O . -11.66 7.85 -17.36
C9 FMN O . -10.45 6.18 -18.77
C9A FMN O . -9.71 5.00 -18.90
N10 FMN O . -9.54 4.39 -20.13
C10 FMN O . -8.84 3.22 -20.23
C1' FMN O . -10.25 4.87 -21.38
C2' FMN O . -11.72 4.46 -21.36
O2' FMN O . -11.84 3.07 -21.47
C3' FMN O . -12.51 5.11 -22.49
O3' FMN O . -11.98 4.64 -23.70
C4' FMN O . -12.47 6.63 -22.47
O4' FMN O . -12.80 7.10 -21.18
C5' FMN O . -13.46 7.21 -23.46
O5' FMN O . -14.70 6.66 -23.07
P FMN O . -16.10 7.22 -23.58
O1P FMN O . -16.12 8.69 -23.26
O2P FMN O . -16.24 6.95 -25.06
O3P FMN O . -17.16 6.45 -22.85
N1A COA P . 22.50 -4.54 -21.57
C2A COA P . 22.94 -3.37 -22.17
N3A COA P . 22.40 -2.97 -23.38
C4A COA P . 21.47 -3.74 -23.97
C5A COA P . 21.02 -4.91 -23.39
C6A COA P . 21.54 -5.32 -22.18
N6A COA P . 21.10 -6.42 -21.58
N7A COA P . 20.09 -5.44 -24.19
C8A COA P . 19.94 -4.65 -25.28
N9A COA P . 20.79 -3.59 -25.15
C1B COA P . 20.80 -2.34 -25.91
C2B COA P . 20.93 -2.57 -27.41
O2B COA P . 22.28 -2.62 -27.79
C3B COA P . 20.22 -1.35 -27.95
O3B COA P . 21.10 -0.26 -28.01
P3B COA P . 21.95 0.17 -29.32
O7A COA P . 23.16 -0.72 -29.44
O8A COA P . 21.09 0.07 -30.55
O9A COA P . 22.37 1.60 -29.07
C4B COA P . 19.16 -1.05 -26.90
O4B COA P . 19.60 -1.65 -25.71
C5B COA P . 17.80 -1.60 -27.28
O5B COA P . 17.23 -0.75 -28.24
P1A COA P . 16.57 0.66 -27.87
O1A COA P . 17.37 1.76 -28.56
O2A COA P . 16.47 0.93 -26.39
O3A COA P . 15.14 0.54 -28.58
P2A COA P . 13.95 -0.35 -27.97
O4A COA P . 13.14 -0.93 -29.10
O5A COA P . 14.48 -1.44 -27.07
O6A COA P . 13.08 0.74 -27.17
CBP COA P . 12.11 2.90 -26.72
CCP COA P . 12.69 1.96 -27.76
CDP COA P . 12.05 4.32 -27.27
CEP COA P . 10.70 2.43 -26.38
CAP COA P . 12.98 2.87 -25.47
OAP COA P . 14.34 3.05 -25.82
C9P COA P . 12.57 3.87 -24.44
O9P COA P . 11.43 3.64 -23.67
N8P COA P . 13.31 4.95 -24.26
C7P COA P . 12.67 6.23 -24.10
C6P COA P . 13.48 7.20 -23.27
C5P COA P . 12.58 8.13 -22.52
O5P COA P . 12.09 7.78 -21.44
N4P COA P . 12.36 9.31 -23.06
C3P COA P . 12.36 10.52 -22.27
C2P COA P . 11.03 11.23 -22.43
S1P COA P . 11.00 12.74 -21.48
CL CL Q . 13.70 3.52 -19.80
N1 FMN R . -14.92 16.48 7.07
C2 FMN R . -13.90 17.24 6.53
O2 FMN R . -13.91 18.46 6.67
N3 FMN R . -12.85 16.63 5.87
C4 FMN R . -12.83 15.26 5.71
O4 FMN R . -12.17 14.79 4.79
C4A FMN R . -13.85 14.50 6.25
N5 FMN R . -13.84 13.13 6.12
C5A FMN R . -14.85 12.36 6.65
C6 FMN R . -14.80 10.98 6.49
C7 FMN R . -15.80 10.18 7.01
C7M FMN R . -15.53 8.70 7.13
C8 FMN R . -16.88 10.77 7.68
C8M FMN R . -17.98 9.93 8.27
C9 FMN R . -16.93 12.15 7.84
C9A FMN R . -15.91 12.96 7.32
N10 FMN R . -15.93 14.36 7.46
C10 FMN R . -14.91 15.11 6.92
C1' FMN R . -17.09 15.06 8.09
C2' FMN R . -18.19 15.24 7.05
O2' FMN R . -17.73 16.04 5.99
C3' FMN R . -19.44 15.87 7.64
O3' FMN R . -19.12 17.16 8.09
C4' FMN R . -20.00 15.08 8.81
O4' FMN R . -19.98 13.70 8.53
C5' FMN R . -21.42 15.49 9.10
O5' FMN R . -22.21 15.08 8.02
P FMN R . -23.81 15.19 8.14
O1P FMN R . -24.26 14.15 9.15
O2P FMN R . -24.13 16.58 8.65
O3P FMN R . -24.42 14.93 6.78
N1A COA S . -30.13 8.90 0.54
C2A COA S . -31.00 7.98 -0.02
N3A COA S . -31.41 8.09 -1.32
C4A COA S . -30.97 9.15 -2.04
C5A COA S . -30.10 10.08 -1.49
C6A COA S . -29.68 9.97 -0.18
N6A COA S . -28.80 10.82 0.36
N7A COA S . -29.85 11.00 -2.43
C8A COA S . -30.51 10.67 -3.57
N9A COA S . -31.21 9.53 -3.32
C1B COA S . -31.89 8.70 -4.30
C2B COA S . -32.79 9.49 -5.22
O2B COA S . -34.02 9.78 -4.62
C3B COA S . -32.88 8.57 -6.40
O3B COA S . -33.82 7.55 -6.15
P3B COA S . -35.35 7.61 -6.68
O7A COA S . -36.04 6.35 -6.24
O8A COA S . -36.08 8.82 -6.12
O9A COA S . -35.30 7.71 -8.19
C4B COA S . -31.50 7.95 -6.45
O4B COA S . -30.97 8.07 -5.16
C5B COA S . -30.55 8.65 -7.41
O5B COA S . -31.01 8.44 -8.73
P1A COA S . -30.49 7.18 -9.57
O1A COA S . -31.69 6.41 -10.08
O2A COA S . -29.62 6.29 -8.73
O3A COA S . -29.71 7.89 -10.77
P2A COA S . -28.19 8.39 -10.73
O4A COA S . -27.91 9.22 -11.95
O5A COA S . -27.80 9.07 -9.45
O6A COA S . -27.37 7.03 -10.89
CBP COA S . -26.58 5.04 -11.95
CCP COA S . -27.64 6.14 -11.96
CDP COA S . -26.95 4.00 -12.99
CEP COA S . -25.24 5.65 -12.31
CAP COA S . -26.54 4.46 -10.55
OAP COA S . -27.84 4.08 -10.15
C9P COA S . -25.62 3.28 -10.42
O9P COA S . -24.25 3.45 -10.42
N8P COA S . -26.18 2.09 -10.31
C7P COA S . -25.50 0.95 -10.91
C6P COA S . -25.68 -0.26 -10.04
C5P COA S . -24.74 -1.34 -10.46
O5P COA S . -23.56 -1.33 -10.08
N4P COA S . -25.28 -2.28 -11.23
C3P COA S . -24.91 -3.67 -11.08
C2P COA S . -24.15 -4.10 -12.33
S1P COA S . -23.58 -5.80 -12.19
N1 FMN T . -14.65 14.82 10.37
C2 FMN T . -15.23 13.61 10.65
O2 FMN T . -16.34 13.58 11.16
N3 FMN T . -14.59 12.42 10.34
C4 FMN T . -13.35 12.44 9.75
O4 FMN T . -12.67 11.41 9.75
C4A FMN T . -12.76 13.67 9.46
N5 FMN T . -11.52 13.71 8.87
C5A FMN T . -10.93 14.92 8.57
C6 FMN T . -9.68 14.92 7.97
C7 FMN T . -9.05 16.13 7.68
C7M FMN T . -7.87 16.09 6.74
C8 FMN T . -9.69 17.33 8.00
C8M FMN T . -9.00 18.65 7.88
C9 FMN T . -10.95 17.33 8.61
C9A FMN T . -11.58 16.12 8.90
N10 FMN T . -12.83 16.08 9.51
C10 FMN T . -13.41 14.86 9.78
C1' FMN T . -13.55 17.32 9.99
C2' FMN T . -13.02 17.75 11.36
O2' FMN T . -13.36 16.78 12.34
C3' FMN T . -13.60 19.11 11.78
O3' FMN T . -15.00 18.98 11.91
C4' FMN T . -13.34 20.22 10.76
O4' FMN T . -12.02 20.17 10.29
C5' FMN T . -13.60 21.58 11.38
O5' FMN T . -12.69 21.75 12.43
P FMN T . -12.54 23.16 13.18
O1P FMN T . -12.05 24.17 12.16
O2P FMN T . -13.88 23.57 13.73
O3P FMN T . -11.53 23.02 14.31
CL CL U . -23.31 1.97 -6.30
N1 FMN V . 14.42 18.07 -2.66
C2 FMN V . 13.52 18.24 -3.67
O2 FMN V . 13.71 19.12 -4.52
N3 FMN V . 12.39 17.45 -3.78
C4 FMN V . 12.17 16.46 -2.85
O4 FMN V . 11.02 15.99 -2.81
C4A FMN V . 13.10 16.27 -1.82
N5 FMN V . 12.91 15.28 -0.88
C5A FMN V . 13.82 15.09 0.14
C6 FMN V . 13.58 14.08 1.06
C7 FMN V . 14.46 13.84 2.10
C7M FMN V . 14.24 12.65 3.00
C8 FMN V . 15.59 14.63 2.24
C8M FMN V . 16.42 14.49 3.47
C9 FMN V . 15.85 15.64 1.31
C9A FMN V . 14.96 15.89 0.25
N10 FMN V . 15.15 16.89 -0.71
C10 FMN V . 14.23 17.07 -1.73
C1' FMN V . 16.32 17.86 -0.62
C2' FMN V . 16.05 18.88 0.48
O2' FMN V . 14.96 19.67 0.10
C3' FMN V . 17.24 19.80 0.74
O3' FMN V . 17.51 20.55 -0.42
C4' FMN V . 18.52 19.05 1.11
O4' FMN V . 18.25 18.08 2.10
C5' FMN V . 19.54 20.02 1.66
O5' FMN V . 18.91 20.63 2.75
P FMN V . 19.70 21.56 3.78
O1P FMN V . 20.76 20.72 4.45
O2P FMN V . 20.30 22.72 3.03
O3P FMN V . 18.71 22.09 4.79
N1A COA W . 15.54 23.31 14.38
C2A COA W . 15.43 23.30 15.76
N3A COA W . 14.49 24.11 16.35
C4A COA W . 13.67 24.87 15.58
C5A COA W . 13.77 24.86 14.21
C6A COA W . 14.72 24.07 13.59
N6A COA W . 14.90 24.16 12.29
N7A COA W . 12.85 25.71 13.71
C8A COA W . 12.16 26.25 14.73
N9A COA W . 12.66 25.73 15.89
C1B COA W . 12.04 25.84 17.21
C2B COA W . 11.76 27.27 17.62
O2B COA W . 12.92 27.90 18.12
C3B COA W . 10.66 27.07 18.64
O3B COA W . 11.21 26.71 19.89
P3B COA W . 11.52 27.82 21.02
O7A COA W . 12.11 27.13 22.21
O8A COA W . 12.50 28.80 20.42
O9A COA W . 10.22 28.49 21.40
C4B COA W . 9.89 25.86 18.10
O4B COA W . 10.78 25.20 17.22
C5B COA W . 8.63 26.23 17.33
O5B COA W . 7.65 26.72 18.20
P1A COA W . 6.58 25.75 18.92
O1A COA W . 6.67 26.00 20.41
O2A COA W . 6.78 24.31 18.61
O3A COA W . 5.17 26.28 18.36
P2A COA W . 4.59 25.85 16.93
O4A COA W . 3.56 26.88 16.58
O5A COA W . 5.62 25.71 15.85
O6A COA W . 3.86 24.45 17.23
CBP COA W . 2.39 22.89 18.26
CCP COA W . 2.87 24.35 18.23
CDP COA W . 1.51 22.70 19.49
CEP COA W . 1.60 22.64 17.00
CAP COA W . 3.61 21.96 18.36
OAP COA W . 4.42 22.36 19.43
C9P COA W . 3.25 20.52 18.52
O9P COA W . 2.53 19.88 17.50
N8P COA W . 3.62 19.87 19.62
C7P COA W . 3.48 18.44 19.76
C6P COA W . 2.24 18.16 20.60
C5P COA W . 2.11 16.71 21.01
O5P COA W . 2.37 15.80 20.22
N4P COA W . 1.68 16.51 22.25
C3P COA W . 1.43 15.19 22.78
C2P COA W . -0.09 14.97 22.86
S1P COA W . -0.52 13.50 23.80
N1 FMN X . 17.28 15.40 -2.62
C2 FMN X . 17.71 14.69 -1.51
O2 FMN X . 18.69 15.07 -0.89
N3 FMN X . 17.05 13.52 -1.13
C4 FMN X . 15.93 13.11 -1.83
O4 FMN X . 15.42 12.02 -1.55
C4A FMN X . 15.48 13.85 -2.93
N5 FMN X . 14.38 13.45 -3.66
C5A FMN X . 13.94 14.17 -4.75
C6 FMN X . 12.82 13.75 -5.47
C7 FMN X . 12.37 14.47 -6.58
C7M FMN X . 11.03 14.15 -7.19
C8 FMN X . 13.06 15.62 -6.99
C8M FMN X . 12.77 16.22 -8.32
C9 FMN X . 14.16 16.05 -6.27
C9A FMN X . 14.63 15.33 -5.16
N10 FMN X . 15.75 15.73 -4.43
C10 FMN X . 16.17 14.99 -3.33
C1' FMN X . 16.59 16.89 -4.87
C2' FMN X . 17.50 16.48 -6.04
O2' FMN X . 18.43 15.51 -5.62
C3' FMN X . 18.24 17.69 -6.60
O3' FMN X . 18.96 18.33 -5.57
C4' FMN X . 17.31 18.75 -7.22
O4' FMN X . 16.30 18.15 -8.00
C5' FMN X . 18.14 19.66 -8.12
O5' FMN X . 18.46 18.93 -9.28
P FMN X . 19.25 19.64 -10.47
O1P FMN X . 18.22 20.39 -11.30
O2P FMN X . 20.22 20.61 -9.84
O3P FMN X . 19.94 18.59 -11.29
CL CL Y . 5.53 16.80 16.70
N1 FMN Z . 6.25 -4.98 21.84
C2 FMN Z . 5.10 -4.27 22.01
O2 FMN Z . 4.74 -3.93 23.13
N3 FMN Z . 4.33 -3.89 20.92
C4 FMN Z . 4.73 -4.26 19.65
O4 FMN Z . 3.89 -4.21 18.76
C4A FMN Z . 5.90 -4.99 19.47
N5 FMN Z . 6.32 -5.33 18.20
C5A FMN Z . 7.47 -6.05 18.02
C6 FMN Z . 7.86 -6.39 16.74
C7 FMN Z . 9.03 -7.13 16.54
C7M FMN Z . 9.53 -7.34 15.15
C8 FMN Z . 9.81 -7.51 17.63
C8M FMN Z . 11.08 -8.31 17.46
C9 FMN Z . 9.42 -7.16 18.91
C9A FMN Z . 8.24 -6.43 19.12
N10 FMN Z . 7.81 -6.07 20.40
C10 FMN Z . 6.66 -5.36 20.57
C1' FMN Z . 8.53 -6.55 21.65
C2' FMN Z . 8.16 -8.00 21.95
O2' FMN Z . 6.78 -8.07 22.30
C3' FMN Z . 9.02 -8.59 23.09
O3' FMN Z . 8.66 -7.96 24.31
C4' FMN Z . 10.52 -8.40 22.89
O4' FMN Z . 10.85 -8.78 21.58
C5' FMN Z . 11.36 -9.26 23.83
O5' FMN Z . 11.36 -10.54 23.26
P FMN Z . 11.67 -11.84 24.14
O1P FMN Z . 13.15 -12.02 24.05
O2P FMN Z . 11.27 -11.64 25.58
O3P FMN Z . 10.92 -13.04 23.60
N1A COA AA . 10.43 -22.19 19.69
C2A COA AA . 10.67 -23.38 19.03
N3A COA AA . 9.71 -24.37 19.05
C4A COA AA . 8.55 -24.17 19.70
C5A COA AA . 8.30 -22.98 20.36
C6A COA AA . 9.24 -21.97 20.36
N6A COA AA . 8.99 -20.78 20.91
N7A COA AA . 7.08 -23.05 20.91
C8A COA AA . 6.54 -24.25 20.61
N9A COA AA . 7.44 -24.96 19.87
C1B COA AA . 7.27 -26.32 19.29
C2B COA AA . 6.82 -27.30 20.38
O2B COA AA . 7.88 -28.11 20.84
C3B COA AA . 5.69 -28.09 19.76
O3B COA AA . 5.85 -29.50 19.80
P3B COA AA . 7.03 -30.39 19.17
O7A COA AA . 8.01 -30.75 20.26
O8A COA AA . 6.43 -31.62 18.56
O9A COA AA . 7.75 -29.58 18.11
C4B COA AA . 5.51 -27.51 18.36
O4B COA AA . 6.28 -26.33 18.27
C5B COA AA . 4.03 -27.22 18.17
O5B COA AA . 3.80 -26.84 16.84
P1A COA AA . 3.10 -27.83 15.80
O1A COA AA . 3.69 -29.21 15.90
O2A COA AA . 3.31 -27.25 14.42
O3A COA AA . 1.53 -27.91 16.17
P2A COA AA . 0.55 -26.65 16.09
O4A COA AA . -0.80 -27.03 16.60
O5A COA AA . 1.11 -25.46 16.83
O6A COA AA . 0.42 -26.37 14.51
CBP COA AA . -0.15 -26.72 12.22
CCP COA AA . -0.11 -27.32 13.62
CDP COA AA . -0.46 -27.81 11.20
CEP COA AA . -1.25 -25.66 12.19
CAP COA AA . 1.20 -26.06 11.94
OAP COA AA . 2.21 -26.96 12.29
C9P COA AA . 1.34 -25.60 10.51
O9P COA AA . 0.52 -24.56 10.06
N8P COA AA . 2.24 -26.18 9.74
C7P COA AA . 2.59 -25.65 8.44
C6P COA AA . 1.89 -26.47 7.36
C5P COA AA . 2.32 -26.04 5.97
O5P COA AA . 2.48 -24.86 5.68
N4P COA AA . 2.48 -27.03 5.10
C3P COA AA . 2.80 -26.77 3.72
C2P COA AA . 1.59 -27.08 2.87
S1P COA AA . 2.05 -26.97 1.14
N1 FMN BA . 9.75 -3.50 20.86
C2 FMN BA . 10.66 -4.07 19.98
O2 FMN BA . 11.61 -4.73 20.41
N3 FMN BA . 10.48 -3.97 18.62
C4 FMN BA . 9.42 -3.25 18.12
O4 FMN BA . 9.43 -2.96 16.92
C4A FMN BA . 8.50 -2.67 18.99
N5 FMN BA . 7.42 -1.97 18.49
C5A FMN BA . 6.51 -1.38 19.34
C6 FMN BA . 5.43 -0.68 18.78
C7 FMN BA . 4.49 -0.07 19.59
C7M FMN BA . 3.23 0.42 18.97
C8 FMN BA . 4.64 -0.14 20.98
C8M FMN BA . 3.63 0.53 21.87
C9 FMN BA . 5.70 -0.85 21.54
C9A FMN BA . 6.66 -1.48 20.72
N10 FMN BA . 7.75 -2.20 21.22
C10 FMN BA . 8.67 -2.78 20.37
C1' FMN BA . 7.97 -2.29 22.71
C2' FMN BA . 8.65 -1.02 23.19
O2' FMN BA . 9.91 -0.91 22.59
C3' FMN BA . 8.88 -0.97 24.69
O3' FMN BA . 9.84 -1.93 25.04
C4' FMN BA . 7.59 -1.18 25.47
O4' FMN BA . 6.60 -0.32 24.96
C5' FMN BA . 7.76 -0.84 26.94
O5' FMN BA . 8.11 0.52 26.93
P FMN BA . 8.03 1.44 28.22
O1P FMN BA . 6.58 1.59 28.63
O2P FMN BA . 8.84 0.81 29.32
O3P FMN BA . 8.60 2.76 27.79
CL CL CA . 4.24 -21.94 9.20
N1A COA DA . -2.40 25.52 18.51
C2A COA DA . -1.19 26.07 18.89
N3A COA DA . -0.61 25.74 20.08
C4A COA DA . -1.23 24.85 20.91
C5A COA DA . -2.45 24.29 20.54
C6A COA DA . -3.05 24.62 19.33
N6A COA DA . -4.16 24.03 18.89
N7A COA DA . -2.81 23.47 21.55
C8A COA DA . -1.88 23.50 22.51
N9A COA DA . -0.89 24.35 22.13
C1B COA DA . 0.37 24.64 22.84
C2B COA DA . 0.19 24.82 24.33
O2B COA DA . -0.15 26.14 24.71
C3B COA DA . 1.57 24.42 24.82
O3B COA DA . 2.46 25.49 24.62
P3B COA DA . 2.94 26.45 25.82
O7A COA DA . 3.83 27.48 25.20
O8A COA DA . 1.66 27.07 26.37
O9A COA DA . 3.68 25.61 26.81
C4B COA DA . 1.95 23.32 23.84
O4B COA DA . 1.27 23.57 22.64
C5B COA DA . 1.56 21.95 24.34
O5B COA DA . 2.50 21.54 25.31
P1A COA DA . 3.86 20.78 24.90
O1A COA DA . 5.04 21.53 25.44
O2A COA DA . 4.00 20.48 23.43
O3A COA DA . 3.74 19.41 25.73
P2A COA DA . 2.97 18.10 25.26
O4A COA DA . 2.68 17.36 26.52
O5A COA DA . 1.68 18.36 24.52
O6A COA DA . 4.04 17.28 24.39
CBP COA DA . 6.12 16.26 23.76
CCP COA DA . 5.34 16.97 24.86
CDP COA DA . 7.58 16.17 24.19
CEP COA DA . 5.57 14.85 23.57
CAP COA DA . 5.97 17.04 22.46
OAP COA DA . 6.34 18.38 22.68
C9P COA DA . 6.80 16.47 21.35
O9P COA DA . 6.51 15.20 20.83
N8P COA DA . 7.77 17.25 20.88
C7P COA DA . 8.51 16.92 19.69
C6P COA DA . 9.80 16.22 20.06
C5P COA DA . 10.68 16.14 18.84
O5P COA DA . 10.21 15.78 17.76
N4P COA DA . 11.96 16.44 19.05
C3P COA DA . 12.93 16.22 18.00
C2P COA DA . 13.73 14.97 18.32
S1P COA DA . 15.09 14.78 17.17
N1 FMN EA . -16.77 -15.50 3.84
C2 FMN EA . -16.26 -15.28 5.08
O2 FMN EA . -16.63 -16.02 6.01
N3 FMN EA . -15.32 -14.29 5.33
C4 FMN EA . -14.89 -13.49 4.31
O4 FMN EA . -14.22 -12.49 4.64
C4A FMN EA . -15.39 -13.71 3.04
N5 FMN EA . -14.97 -12.94 1.98
C5A FMN EA . -15.46 -13.16 0.72
C6 FMN EA . -15.01 -12.37 -0.32
C7 FMN EA . -15.51 -12.56 -1.61
C7M FMN EA . -14.85 -11.87 -2.77
C8 FMN EA . -16.45 -13.54 -1.86
C8M FMN EA . -17.10 -13.70 -3.19
C9 FMN EA . -16.89 -14.34 -0.82
C9A FMN EA . -16.40 -14.17 0.49
N10 FMN EA . -16.83 -14.94 1.54
C10 FMN EA . -16.32 -14.72 2.80
C1' FMN EA . -17.95 -15.92 1.40
C2' FMN EA . -19.29 -15.18 1.32
O2' FMN EA . -19.55 -14.59 2.58
C3' FMN EA . -20.41 -16.12 0.94
O3' FMN EA . -20.58 -17.07 1.97
C4' FMN EA . -20.21 -16.88 -0.37
O4' FMN EA . -19.84 -15.99 -1.38
C5' FMN EA . -21.49 -17.57 -0.80
O5' FMN EA . -22.47 -16.57 -0.86
P FMN EA . -23.89 -16.82 -1.55
O1P FMN EA . -23.60 -17.10 -3.00
O2P FMN EA . -24.51 -17.99 -0.86
O3P FMN EA . -24.72 -15.57 -1.42
N1A COA FA . -29.56 -8.12 -6.21
C2A COA FA . -30.22 -7.36 -7.14
N3A COA FA . -31.07 -6.36 -6.70
C4A COA FA . -31.25 -6.18 -5.38
C5A COA FA . -30.59 -6.95 -4.43
C6A COA FA . -29.72 -7.96 -4.86
N6A COA FA . -29.15 -8.79 -4.01
N7A COA FA . -30.97 -6.52 -3.21
C8A COA FA . -31.84 -5.51 -3.36
N9A COA FA . -32.01 -5.27 -4.70
C1B COA FA . -32.73 -4.17 -5.34
C2B COA FA . -34.06 -3.89 -4.67
O2B COA FA . -35.09 -4.74 -5.11
C3B COA FA . -34.26 -2.45 -5.07
O3B COA FA . -34.66 -2.38 -6.40
P3B COA FA . -36.19 -2.11 -6.77
O7A COA FA . -36.53 -0.72 -6.31
O8A COA FA . -36.31 -2.24 -8.26
O9A COA FA . -36.99 -3.14 -5.99
C4B COA FA . -32.86 -1.87 -5.00
O4B COA FA . -31.98 -2.97 -5.24
C5B COA FA . -32.59 -1.23 -3.65
O5B COA FA . -31.43 -0.45 -3.76
P1A COA FA . -31.50 1.13 -4.11
O1A COA FA . -32.50 1.41 -5.19
O2A COA FA . -30.13 1.59 -4.54
O3A COA FA . -32.03 1.83 -2.75
P2A COA FA . -31.05 1.99 -1.51
O4A COA FA . -31.77 2.56 -0.32
O5A COA FA . -30.45 0.65 -1.18
O6A COA FA . -29.88 2.97 -1.99
CBP COA FA . -28.79 4.88 -2.85
CCP COA FA . -30.13 4.29 -2.40
CDP COA FA . -29.05 6.27 -3.42
CEP COA FA . -27.90 4.97 -1.61
CAP COA FA . -28.15 3.99 -3.94
OAP COA FA . -29.10 3.72 -4.95
C9P COA FA . -26.93 4.56 -4.60
O9P COA FA . -25.73 4.76 -3.90
N8P COA FA . -27.07 4.87 -5.87
C7P COA FA . -25.91 5.22 -6.67
C6P COA FA . -26.04 6.69 -7.03
C5P COA FA . -24.85 7.20 -7.82
O5P COA FA . -23.72 6.76 -7.58
N4P COA FA . -25.12 8.10 -8.75
C3P COA FA . -24.09 8.75 -9.54
C2P COA FA . -23.99 10.21 -9.10
S1P COA FA . -22.77 11.03 -10.13
N1 FMN GA . -15.04 -17.60 1.18
C2 FMN GA . -15.05 -17.28 -0.17
O2 FMN GA . -15.86 -17.79 -0.92
N3 FMN GA . -14.16 -16.36 -0.68
C4 FMN GA . -13.26 -15.77 0.16
O4 FMN GA . -12.27 -15.24 -0.36
C4A FMN GA . -13.24 -16.06 1.52
N5 FMN GA . -12.35 -15.44 2.37
C5A FMN GA . -12.32 -15.74 3.70
C6 FMN GA . -11.42 -15.09 4.54
C7 FMN GA . -11.35 -15.39 5.89
C7M FMN GA . -10.49 -14.56 6.78
C8 FMN GA . -12.25 -16.33 6.43
C8M FMN GA . -12.15 -16.70 7.88
C9 FMN GA . -13.15 -16.96 5.59
C9A FMN GA . -13.21 -16.67 4.22
N10 FMN GA . -14.13 -17.30 3.38
C10 FMN GA . -14.14 -17.00 2.02
C1' FMN GA . -15.05 -18.39 3.88
C2' FMN GA . -14.25 -19.68 4.10
O2' FMN GA . -13.76 -20.12 2.87
C3' FMN GA . -15.05 -20.80 4.74
O3' FMN GA . -16.15 -21.10 3.92
C4' FMN GA . -15.55 -20.39 6.11
O4' FMN GA . -14.50 -19.82 6.86
C5' FMN GA . -16.06 -21.61 6.83
O5' FMN GA . -14.98 -22.48 6.92
P FMN GA . -15.12 -23.82 7.77
O1P FMN GA . -15.32 -23.40 9.22
O2P FMN GA . -16.31 -24.54 7.18
O3P FMN GA . -13.85 -24.59 7.51
NA NA HA . -18.38 -18.67 8.32
N1A COA IA . -25.60 6.33 -17.10
C2A COA IA . -26.76 6.63 -16.43
N3A COA IA . -27.70 5.66 -16.25
C4A COA IA . -27.50 4.42 -16.72
C5A COA IA . -26.34 4.09 -17.37
C6A COA IA . -25.38 5.06 -17.58
N6A COA IA . -24.25 4.85 -18.28
N7A COA IA . -26.44 2.80 -17.73
C8A COA IA . -27.61 2.28 -17.30
N9A COA IA . -28.27 3.29 -16.68
C1B COA IA . -29.57 3.22 -16.00
C2B COA IA . -30.52 2.15 -16.54
O2B COA IA . -31.37 2.63 -17.54
C3B COA IA . -31.26 1.79 -15.29
O3B COA IA . -32.25 2.77 -15.14
P3B COA IA . -33.84 2.49 -15.21
O7A COA IA . -34.52 3.82 -15.44
O8A COA IA . -34.19 1.54 -16.31
O9A COA IA . -34.22 1.88 -13.89
C4B COA IA . -30.18 1.92 -14.21
O4B COA IA . -29.27 2.88 -14.68
C5B COA IA . -29.37 0.67 -13.99
O5B COA IA . -30.07 -0.18 -13.13
P1A COA IA . -29.91 -0.20 -11.52
O1A COA IA . -31.14 0.43 -10.93
O2A COA IA . -28.66 0.42 -10.95
O3A COA IA . -30.01 -1.80 -11.28
P2A COA IA . -28.83 -2.85 -11.52
O4A COA IA . -29.47 -4.16 -11.92
O5A COA IA . -27.81 -2.40 -12.55
O6A COA IA . -28.28 -2.96 -10.03
CBP COA IA . -28.26 -3.02 -7.67
CCP COA IA . -29.11 -3.26 -8.91
CDP COA IA . -29.06 -3.27 -6.38
CEP COA IA . -27.10 -4.00 -7.71
CAP COA IA . -27.72 -1.60 -7.72
OAP COA IA . -28.75 -0.66 -8.00
C9P COA IA . -26.94 -1.20 -6.51
O9P COA IA . -25.74 -1.87 -6.19
N8P COA IA . -27.43 -0.20 -5.78
C7P COA IA . -26.68 0.36 -4.68
C6P COA IA . -27.28 -0.21 -3.41
C5P COA IA . -26.81 0.52 -2.19
O5P COA IA . -25.65 0.86 -2.00
N4P COA IA . -27.73 0.75 -1.27
C3P COA IA . -27.42 1.41 -0.02
C2P COA IA . -27.10 0.35 1.01
S1P COA IA . -26.92 1.04 2.66
N1 FMN JA . 13.71 -15.56 -10.26
C2 FMN JA . 12.49 -16.22 -10.26
O2 FMN JA . 12.44 -17.40 -10.58
N3 FMN JA . 11.36 -15.54 -9.85
C4 FMN JA . 11.42 -14.22 -9.47
O4 FMN JA . 10.37 -13.56 -9.49
C4A FMN JA . 12.65 -13.57 -9.47
N5 FMN JA . 12.76 -12.25 -9.09
C5A FMN JA . 13.97 -11.59 -9.08
C6 FMN JA . 14.05 -10.25 -8.69
C7 FMN JA . 15.25 -9.56 -8.68
C7M FMN JA . 15.38 -8.26 -7.96
C8 FMN JA . 16.39 -10.25 -9.09
C8M FMN JA . 17.73 -9.55 -9.06
C9 FMN JA . 16.33 -11.57 -9.48
C9A FMN JA . 15.12 -12.27 -9.49
N10 FMN JA . 15.02 -13.60 -9.88
C10 FMN JA . 13.80 -14.24 -9.88
C1' FMN JA . 16.21 -14.36 -10.40
C2' FMN JA . 16.57 -13.93 -11.83
O2' FMN JA . 15.50 -14.23 -12.69
C3' FMN JA . 17.81 -14.66 -12.34
O3' FMN JA . 17.49 -16.02 -12.49
C4' FMN JA . 19.02 -14.51 -11.44
O4' FMN JA . 19.19 -13.16 -11.09
C5' FMN JA . 20.29 -15.00 -12.12
O5' FMN JA . 20.70 -13.99 -13.00
P FMN JA . 21.69 -14.29 -14.23
O1P FMN JA . 23.09 -14.45 -13.68
O2P FMN JA . 21.27 -15.54 -14.96
O3P FMN JA . 21.60 -13.07 -15.11
N1 FMN KA . 16.02 -15.12 -7.16
C2 FMN KA . 16.73 -13.99 -6.88
O2 FMN KA . 17.93 -13.92 -7.19
N3 FMN KA . 16.14 -12.89 -6.29
C4 FMN KA . 14.80 -12.92 -5.95
O4 FMN KA . 14.40 -12.10 -5.11
C4A FMN KA . 14.07 -14.07 -6.23
N5 FMN KA . 12.74 -14.12 -5.92
C5A FMN KA . 11.98 -15.22 -6.17
C6 FMN KA . 10.64 -15.21 -5.82
C7 FMN KA . 9.84 -16.32 -6.07
C7M FMN KA . 8.35 -16.18 -5.93
C8 FMN KA . 10.41 -17.44 -6.67
C8M FMN KA . 9.65 -18.72 -6.88
C9 FMN KA . 11.76 -17.45 -7.01
C9A FMN KA . 12.57 -16.33 -6.76
N10 FMN KA . 13.93 -16.29 -7.10
C10 FMN KA . 14.68 -15.17 -6.83
C1' FMN KA . 14.61 -17.49 -7.72
C2' FMN KA . 14.89 -18.51 -6.62
O2' FMN KA . 15.82 -17.96 -5.73
C3' FMN KA . 15.45 -19.82 -7.15
O3' FMN KA . 16.73 -19.57 -7.67
C4' FMN KA . 14.60 -20.47 -8.24
O4' FMN KA . 13.27 -20.62 -7.80
C5' FMN KA . 15.14 -21.85 -8.55
O5' FMN KA . 14.87 -22.58 -7.38
P FMN KA . 15.34 -24.10 -7.27
O1P FMN KA . 14.58 -24.87 -8.31
O2P FMN KA . 16.82 -24.18 -7.56
O3P FMN KA . 15.04 -24.55 -5.87
N1A COA LA . -5.42 -28.50 11.64
C2A COA LA . -4.42 -28.94 12.47
N3A COA LA . -3.48 -29.83 11.98
C4A COA LA . -3.58 -30.22 10.69
C5A COA LA . -4.57 -29.77 9.84
C6A COA LA . -5.53 -28.90 10.33
N6A COA LA . -6.44 -28.40 9.51
N7A COA LA . -4.39 -30.33 8.63
C8A COA LA . -3.32 -31.12 8.69
N9A COA LA . -2.80 -31.04 9.95
C1B COA LA . -1.59 -31.69 10.48
C2B COA LA . -1.25 -33.02 9.83
O2B COA LA . -1.93 -34.16 10.32
C3B COA LA . 0.24 -33.05 10.12
O3B COA LA . 0.47 -33.39 11.46
P3B COA LA . 1.03 -34.85 11.91
O7A COA LA . 1.41 -34.72 13.36
O8A COA LA . -0.11 -35.82 11.72
O9A COA LA . 2.19 -35.25 11.04
C4B COA LA . 0.62 -31.59 9.94
O4B COA LA . -0.51 -30.82 10.23
C5B COA LA . 1.05 -31.25 8.53
O5B COA LA . 2.31 -31.85 8.33
P1A COA LA . 3.66 -30.98 8.37
O1A COA LA . 4.57 -31.65 9.36
O2A COA LA . 3.50 -29.52 8.67
O3A COA LA . 4.20 -31.22 6.89
P2A COA LA . 3.88 -30.29 5.62
O4A COA LA . 4.26 -31.18 4.48
O5A COA LA . 2.44 -29.89 5.53
O6A COA LA . 4.89 -29.05 5.67
CBP COA LA . 6.83 -27.78 6.16
CCP COA LA . 6.27 -29.18 5.94
CDP COA LA . 8.29 -27.88 6.59
CEP COA LA . 6.74 -27.05 4.82
CAP COA LA . 5.98 -27.04 7.21
OAP COA LA . 5.74 -27.82 8.37
C9P COA LA . 6.59 -25.73 7.61
O9P COA LA . 6.68 -24.72 6.67
N8P COA LA . 7.02 -25.61 8.86
C7P COA LA . 7.52 -24.34 9.39
C6P COA LA . 9.03 -24.39 9.44
C5P COA LA . 9.62 -23.11 9.99
O5P COA LA . 9.05 -22.01 9.86
N4P COA LA . 10.79 -23.26 10.61
C3P COA LA . 11.46 -22.15 11.28
C2P COA LA . 12.79 -21.86 10.60
S1P COA LA . 13.64 -20.50 11.42
N1A COA MA . 7.55 12.82 27.80
C2A COA MA . 7.16 14.15 27.89
N3A COA MA . 8.08 15.14 27.60
C4A COA MA . 9.32 14.80 27.23
C5A COA MA . 9.72 13.48 27.14
C6A COA MA . 8.82 12.47 27.42
N6A COA MA . 9.15 11.18 27.36
N7A COA MA . 11.01 13.48 26.75
C8A COA MA . 11.43 14.75 26.59
N9A COA MA . 10.39 15.58 26.89
C1B COA MA . 10.33 17.04 26.84
C2B COA MA . 11.55 17.73 27.43
O2B COA MA . 11.47 17.87 28.82
C3B COA MA . 11.47 19.06 26.72
O3B COA MA . 10.49 19.86 27.31
P3B COA MA . 10.83 21.03 28.35
O7A COA MA . 9.54 21.70 28.74
O8A COA MA . 11.51 20.40 29.56
O9A COA MA . 11.75 21.98 27.64
C4B COA MA . 10.95 18.68 25.35
O4B COA MA . 10.26 17.46 25.50
C5B COA MA . 12.07 18.51 24.35
O5B COA MA . 11.51 18.63 23.07
P1A COA MA . 11.36 20.08 22.39
O1A COA MA . 11.16 21.14 23.44
O2A COA MA . 10.21 20.02 21.41
O3A COA MA . 12.80 20.33 21.70
P2A COA MA . 13.40 19.31 20.61
O4A COA MA . 14.83 19.67 20.30
O5A COA MA . 13.27 17.87 21.06
O6A COA MA . 12.54 19.59 19.30
CBP COA MA . 11.54 20.72 17.49
CCP COA MA . 12.53 20.83 18.64
CDP COA MA . 11.40 22.07 16.81
CEP COA MA . 12.12 19.69 16.52
CAP COA MA . 10.19 20.22 18.04
OAP COA MA . 9.80 21.02 19.13
C9P COA MA . 9.12 20.19 16.97
O9P COA MA . 9.31 19.41 15.83
N8P COA MA . 8.01 20.91 17.15
C7P COA MA . 6.88 20.81 16.26
C6P COA MA . 6.78 22.03 15.36
C5P COA MA . 5.46 22.08 14.64
O5P COA MA . 4.92 21.05 14.21
N4P COA MA . 4.95 23.30 14.46
C3P COA MA . 3.76 23.52 13.66
C2P COA MA . 4.17 24.17 12.35
S1P COA MA . 2.74 24.56 11.34
N1A COA NA . 10.64 -29.45 2.20
C2A COA NA . 9.87 -30.25 3.01
N3A COA NA . 10.21 -30.43 4.32
C4A COA NA . 11.29 -29.80 4.81
C5A COA NA . 12.08 -29.00 4.01
C6A COA NA . 11.74 -28.81 2.67
N6A COA NA . 12.51 -28.09 1.85
N7A COA NA . 13.08 -28.52 4.77
C8A COA NA . 12.96 -29.00 6.02
N9A COA NA . 11.85 -29.80 6.07
C1B COA NA . 11.19 -30.35 7.26
C2B COA NA . 12.14 -31.03 8.23
O2B COA NA . 12.51 -32.33 7.85
C3B COA NA . 11.29 -31.03 9.49
O3B COA NA . 10.32 -32.06 9.42
P3B COA NA . 10.53 -33.51 10.10
O7A COA NA . 9.26 -34.30 9.89
O8A COA NA . 11.72 -34.20 9.47
O9A COA NA . 10.77 -33.29 11.59
C4B COA NA . 10.59 -29.68 9.42
O4B COA NA . 10.55 -29.35 8.04
C5B COA NA . 11.34 -28.59 10.18
O5B COA NA . 11.30 -28.84 11.57
P1A COA NA . 10.14 -28.22 12.50
O1A COA NA . 9.45 -29.30 13.30
O2A COA NA . 9.12 -27.44 11.70
O3A COA NA . 10.92 -27.28 13.53
P2A COA NA . 11.49 -25.81 13.21
O4A COA NA . 12.61 -25.60 14.18
O5A COA NA . 11.97 -25.66 11.78
O6A COA NA . 10.27 -24.85 13.58
CBP COA NA . 8.37 -24.03 14.82
CCP COA NA . 9.58 -24.96 14.81
CDP COA NA . 7.70 -24.10 16.18
CEP COA NA . 8.84 -22.59 14.57
CAP COA NA . 7.34 -24.56 13.81
OAP COA NA . 7.95 -25.04 12.65
C9P COA NA . 6.24 -23.60 13.43
O9P COA NA . 6.40 -22.20 13.35
N8P COA NA . 5.07 -24.17 13.16
C7P COA NA . 3.85 -23.41 13.00
C6P COA NA . 3.18 -23.23 14.34
C5P COA NA . 1.78 -22.71 14.17
O5P COA NA . 1.51 -21.80 13.38
N4P COA NA . 0.86 -23.27 14.93
C3P COA NA . -0.50 -22.79 14.97
C2P COA NA . -0.63 -21.83 16.13
S1P COA NA . -2.36 -21.49 16.44
N1A COA OA . 19.71 13.79 -20.29
C2A COA OA . 19.45 13.37 -21.58
N3A COA OA . 20.21 12.35 -22.11
C4A COA OA . 21.19 11.77 -21.38
C5A COA OA . 21.44 12.18 -20.08
C6A COA OA . 20.70 13.22 -19.53
N6A COA OA . 20.88 13.58 -18.27
N7A COA OA . 22.46 11.44 -19.60
C8A COA OA . 22.85 10.56 -20.55
N9A COA OA . 22.07 10.75 -21.66
C1B COA OA . 22.00 9.92 -22.87
C2B COA OA . 23.35 9.72 -23.54
O2B COA OA . 23.72 10.80 -24.38
C3B COA OA . 23.08 8.49 -24.34
O3B COA OA . 22.29 8.82 -25.47
P3B COA OA . 22.95 8.89 -26.93
O7A COA OA . 23.43 7.52 -27.33
O8A COA OA . 21.89 9.39 -27.87
O9A COA OA . 24.10 9.86 -26.84
C4B COA OA . 22.21 7.67 -23.42
O4B COA OA . 21.55 8.61 -22.58
C5B COA OA . 23.05 6.72 -22.59
O5B COA OA . 22.29 5.58 -22.32
P1A COA OA . 22.05 4.38 -23.37
O1A COA OA . 22.54 4.72 -24.74
O2A COA OA . 20.58 4.03 -23.37
O3A COA OA . 22.91 3.17 -22.76
P2A COA OA . 22.78 2.80 -21.21
O4A COA OA . 23.94 1.94 -20.79
O5A COA OA . 22.70 4.01 -20.33
O6A COA OA . 21.44 1.91 -21.12
CBP COA OA . 19.82 0.25 -21.72
CCP COA OA . 21.24 0.77 -21.94
CDP COA OA . 19.50 -0.80 -22.77
CEP COA OA . 19.78 -0.36 -20.32
CAP COA OA . 18.84 1.41 -21.84
OAP COA OA . 18.98 1.97 -23.12
C9P COA OA . 17.41 1.00 -21.63
O9P COA OA . 16.97 0.49 -20.41
N8P COA OA . 16.57 1.16 -22.65
C7P COA OA . 15.83 0.03 -23.17
C6P COA OA . 14.52 0.49 -23.77
C5P COA OA . 13.40 -0.47 -23.49
O5P COA OA . 12.77 -0.42 -22.44
N4P COA OA . 13.13 -1.34 -24.46
C3P COA OA . 11.78 -1.62 -24.88
C2P COA OA . 11.45 -3.09 -24.62
S1P COA OA . 9.80 -3.51 -25.20
#